data_1CRU
#
_entry.id   1CRU
#
_cell.length_a   60.579
_cell.length_b   92.658
_cell.length_c   85.727
_cell.angle_alpha   90.00
_cell.angle_beta   105.37
_cell.angle_gamma   90.00
#
_symmetry.space_group_name_H-M   'P 1 21 1'
#
loop_
_entity.id
_entity.type
_entity.pdbx_description
1 polymer 'PROTEIN (SOLUBLE QUINOPROTEIN GLUCOSE DEHYDROGENASE)'
2 non-polymer 'CALCIUM ION'
3 non-polymer 'PYRROLOQUINOLINE QUINONE'
4 non-polymer METHYLHYDRAZINE
5 non-polymer GLYCEROL
6 water water
#
_entity_poly.entity_id   1
_entity_poly.type   'polypeptide(L)'
_entity_poly.pdbx_seq_one_letter_code
;DVPLTPSQFAKAKSENFDKKVILSNLNKPHALLWGPDNQIWLTERATGKILRVNPESGSVKTVFQVPEIVNDADGQNGLL
GFAFHPDFKNNPYIYISGTFKNPKSTDKELPNQTIIRRYTYNKSTDTLEKPVDLLAGLPSSKDHQSGRLVIGPDQKIYYT
IGDQGRNQLAYLFLPNQAQHTPTQQELNGKDYHTYMGKVLRLNLDGSIPKDNPSFNGVVSHIYTLGHRNPQGLAFTPNGK
LLQSEQGPNSDDEINLIVKGGNYGWPNVAGYKDDSGYAYANYSAAANKSIKDLAQNGVKVAAGVPVTKESEWTGKNFVPP
LKTLYTVQDTYNYNDPTCGEMTYICWPTVAPSSAYVYKGGKKAITGWENTLLVPSLKRGVIFRIKLDPTYSTTYDDAVPM
FKSNNRYRDVIASPDGNVLYVLTDTAGNVQKDDGSVTNTLENPGSLIKFTYKAK
;
_entity_poly.pdbx_strand_id   A,B
#
# COMPACT_ATOMS: atom_id res chain seq x y z
N ASP A 1 2.47 10.20 2.87
CA ASP A 1 3.79 10.83 3.12
C ASP A 1 3.63 12.16 3.85
N VAL A 2 4.73 12.62 4.42
CA VAL A 2 4.79 13.89 5.15
C VAL A 2 5.07 15.03 4.18
N PRO A 3 4.41 16.16 4.37
CA PRO A 3 4.60 17.28 3.47
C PRO A 3 6.02 17.79 3.43
N LEU A 4 6.46 18.25 2.25
CA LEU A 4 7.72 18.93 2.11
C LEU A 4 7.48 20.39 2.51
N THR A 5 8.53 21.06 2.94
CA THR A 5 8.43 22.48 3.27
C THR A 5 8.72 23.33 2.03
N PRO A 6 8.39 24.60 2.10
CA PRO A 6 8.66 25.53 1.01
C PRO A 6 10.13 25.55 0.65
N SER A 7 11.01 25.44 1.66
CA SER A 7 12.45 25.40 1.42
C SER A 7 12.86 24.15 0.65
N GLN A 8 12.21 23.03 0.96
CA GLN A 8 12.52 21.78 0.26
C GLN A 8 12.05 21.85 -1.19
N PHE A 9 10.88 22.45 -1.40
CA PHE A 9 10.40 22.65 -2.76
C PHE A 9 11.31 23.62 -3.52
N ALA A 10 11.73 24.68 -2.83
CA ALA A 10 12.57 25.68 -3.47
C ALA A 10 13.88 25.14 -4.01
N LYS A 11 14.45 24.12 -3.37
CA LYS A 11 15.74 23.59 -3.81
C LYS A 11 15.65 22.61 -4.97
N ALA A 12 14.45 22.21 -5.35
CA ALA A 12 14.29 21.23 -6.43
C ALA A 12 14.35 21.90 -7.81
N LYS A 13 15.47 22.52 -8.13
CA LYS A 13 15.58 23.26 -9.39
C LYS A 13 16.02 22.46 -10.60
N SER A 14 16.50 21.24 -10.42
CA SER A 14 16.86 20.37 -11.52
C SER A 14 17.81 21.05 -12.51
N GLU A 15 18.97 21.44 -12.01
CA GLU A 15 19.96 22.12 -12.85
C GLU A 15 20.73 21.16 -13.72
N ASN A 16 20.32 19.89 -13.72
CA ASN A 16 20.93 18.87 -14.56
C ASN A 16 20.17 18.78 -15.88
N PHE A 17 19.22 19.69 -16.07
CA PHE A 17 18.40 19.73 -17.27
C PHE A 17 18.43 21.14 -17.88
N ASP A 18 18.40 21.18 -19.21
CA ASP A 18 18.30 22.45 -19.91
C ASP A 18 16.82 22.69 -20.27
N LYS A 19 16.35 23.90 -20.03
CA LYS A 19 14.97 24.26 -20.30
C LYS A 19 14.87 25.10 -21.59
N LYS A 20 13.87 24.77 -22.39
CA LYS A 20 13.61 25.51 -23.63
C LYS A 20 12.10 25.57 -23.87
N VAL A 21 11.59 26.76 -24.10
CA VAL A 21 10.16 26.90 -24.41
C VAL A 21 9.94 26.64 -25.90
N ILE A 22 9.07 25.68 -26.21
CA ILE A 22 8.79 25.35 -27.61
C ILE A 22 7.66 26.23 -28.13
N LEU A 23 6.56 26.29 -27.41
CA LEU A 23 5.41 27.11 -27.75
C LEU A 23 4.99 27.91 -26.51
N SER A 24 4.57 29.16 -26.70
CA SER A 24 4.20 29.97 -25.54
C SER A 24 2.86 30.69 -25.68
N ASN A 25 2.13 30.46 -26.77
CA ASN A 25 0.87 31.17 -26.96
C ASN A 25 -0.35 30.30 -26.82
N LEU A 26 -0.28 29.26 -25.97
CA LEU A 26 -1.42 28.36 -25.85
C LEU A 26 -2.49 28.82 -24.88
N ASN A 27 -3.73 28.43 -25.16
CA ASN A 27 -4.83 28.76 -24.27
C ASN A 27 -5.31 27.51 -23.54
N LYS A 28 -5.05 27.47 -22.24
CA LYS A 28 -5.46 26.35 -21.39
C LYS A 28 -5.10 25.01 -22.00
N PRO A 29 -3.83 24.84 -22.33
CA PRO A 29 -3.34 23.57 -22.85
C PRO A 29 -3.60 22.51 -21.79
N HIS A 30 -4.12 21.36 -22.20
CA HIS A 30 -4.54 20.39 -21.17
C HIS A 30 -3.88 19.04 -21.25
N ALA A 31 -3.94 18.36 -22.40
CA ALA A 31 -3.31 17.04 -22.51
C ALA A 31 -2.30 17.03 -23.64
N LEU A 32 -1.22 16.26 -23.50
CA LEU A 32 -0.27 16.10 -24.59
C LEU A 32 0.13 14.64 -24.70
N LEU A 33 0.37 14.25 -25.95
CA LEU A 33 0.72 12.87 -26.26
C LEU A 33 1.84 12.81 -27.29
N TRP A 34 2.64 11.75 -27.24
CA TRP A 34 3.60 11.46 -28.30
C TRP A 34 2.83 10.68 -29.34
N GLY A 35 2.57 11.27 -30.51
CA GLY A 35 1.72 10.64 -31.51
C GLY A 35 2.40 9.55 -32.33
N PRO A 36 1.58 8.82 -33.06
CA PRO A 36 2.06 7.72 -33.90
C PRO A 36 2.92 8.22 -35.06
N ASP A 37 2.88 9.52 -35.31
CA ASP A 37 3.65 10.15 -36.38
C ASP A 37 4.91 10.81 -35.86
N ASN A 38 5.23 10.55 -34.59
CA ASN A 38 6.38 11.12 -33.91
C ASN A 38 6.28 12.63 -33.72
N GLN A 39 5.04 13.11 -33.79
CA GLN A 39 4.80 14.52 -33.48
C GLN A 39 4.14 14.58 -32.10
N ILE A 40 4.22 15.73 -31.45
CA ILE A 40 3.54 15.92 -30.17
C ILE A 40 2.15 16.47 -30.47
N TRP A 41 1.10 15.85 -29.98
CA TRP A 41 -0.26 16.33 -30.18
C TRP A 41 -0.75 16.84 -28.83
N LEU A 42 -1.43 17.98 -28.82
CA LEU A 42 -1.90 18.54 -27.55
C LEU A 42 -3.24 19.22 -27.74
N THR A 43 -3.96 19.37 -26.64
CA THR A 43 -5.30 19.96 -26.65
C THR A 43 -5.32 21.31 -25.93
N GLU A 44 -6.26 22.13 -26.36
CA GLU A 44 -6.61 23.37 -25.68
C GLU A 44 -8.00 23.17 -25.11
N ARG A 45 -8.14 23.21 -23.78
CA ARG A 45 -9.39 22.87 -23.12
C ARG A 45 -10.57 23.76 -23.43
N ALA A 46 -10.34 25.07 -23.56
CA ALA A 46 -11.48 25.96 -23.77
C ALA A 46 -11.82 26.15 -25.24
N THR A 47 -10.82 26.20 -26.11
CA THR A 47 -11.10 26.36 -27.53
C THR A 47 -11.50 25.06 -28.21
N GLY A 48 -11.11 23.93 -27.64
CA GLY A 48 -11.39 22.63 -28.27
C GLY A 48 -10.42 22.33 -29.40
N LYS A 49 -9.34 23.10 -29.52
CA LYS A 49 -8.36 22.87 -30.57
C LYS A 49 -7.46 21.69 -30.24
N ILE A 50 -7.10 20.95 -31.28
CA ILE A 50 -6.13 19.86 -31.23
C ILE A 50 -4.97 20.27 -32.12
N LEU A 51 -3.80 20.45 -31.51
CA LEU A 51 -2.61 20.92 -32.20
C LEU A 51 -1.60 19.81 -32.38
N ARG A 52 -0.77 19.91 -33.39
CA ARG A 52 0.32 18.97 -33.64
C ARG A 52 1.60 19.77 -33.80
N VAL A 53 2.60 19.44 -32.98
CA VAL A 53 3.85 20.16 -32.92
C VAL A 53 5.05 19.28 -33.24
N ASN A 54 5.97 19.81 -34.05
CA ASN A 54 7.21 19.08 -34.33
C ASN A 54 8.11 19.21 -33.11
N PRO A 55 8.44 18.10 -32.47
CA PRO A 55 9.20 18.10 -31.24
C PRO A 55 10.58 18.74 -31.36
N GLU A 56 11.16 18.66 -32.54
CA GLU A 56 12.49 19.21 -32.80
C GLU A 56 12.44 20.70 -33.13
N SER A 57 11.60 21.07 -34.08
CA SER A 57 11.61 22.45 -34.59
C SER A 57 10.60 23.36 -33.93
N GLY A 58 9.53 22.81 -33.37
CA GLY A 58 8.51 23.62 -32.75
C GLY A 58 7.46 24.13 -33.74
N SER A 59 7.55 23.71 -35.00
CA SER A 59 6.50 24.13 -35.95
C SER A 59 5.18 23.49 -35.52
N VAL A 60 4.07 24.18 -35.72
CA VAL A 60 2.78 23.71 -35.22
C VAL A 60 1.64 23.91 -36.22
N LYS A 61 0.67 23.02 -36.18
CA LYS A 61 -0.52 23.09 -37.01
C LYS A 61 -1.76 22.77 -36.20
N THR A 62 -2.84 23.51 -36.40
CA THR A 62 -4.10 23.18 -35.74
C THR A 62 -4.81 22.14 -36.61
N VAL A 63 -4.81 20.91 -36.14
CA VAL A 63 -5.37 19.80 -36.91
C VAL A 63 -6.89 19.85 -36.97
N PHE A 64 -7.52 20.20 -35.86
CA PHE A 64 -8.97 20.25 -35.76
C PHE A 64 -9.41 21.08 -34.56
N GLN A 65 -10.62 21.60 -34.63
CA GLN A 65 -11.23 22.29 -33.49
C GLN A 65 -12.59 21.65 -33.24
N VAL A 66 -12.72 20.99 -32.08
CA VAL A 66 -13.96 20.29 -31.75
C VAL A 66 -15.08 21.30 -31.58
N PRO A 67 -16.10 21.24 -32.44
CA PRO A 67 -17.18 22.20 -32.39
C PRO A 67 -18.03 22.14 -31.13
N GLU A 68 -18.56 23.28 -30.74
CA GLU A 68 -19.51 23.40 -29.64
C GLU A 68 -19.02 22.94 -28.29
N ILE A 69 -17.71 22.93 -28.09
CA ILE A 69 -17.20 22.67 -26.74
C ILE A 69 -17.66 23.80 -25.83
N VAL A 70 -18.13 23.46 -24.63
CA VAL A 70 -18.56 24.44 -23.65
C VAL A 70 -17.52 24.56 -22.53
N ASN A 71 -17.18 25.78 -22.17
CA ASN A 71 -16.19 26.02 -21.13
C ASN A 71 -16.56 27.25 -20.32
N ASP A 72 -16.43 27.15 -19.00
CA ASP A 72 -16.64 28.30 -18.13
C ASP A 72 -15.29 28.85 -17.70
N ALA A 73 -15.13 30.18 -17.71
CA ALA A 73 -13.87 30.80 -17.38
C ALA A 73 -13.38 30.40 -15.99
N ASP A 74 -14.33 30.14 -15.10
CA ASP A 74 -14.05 29.76 -13.73
C ASP A 74 -14.22 28.26 -13.55
N GLY A 75 -14.09 27.51 -14.64
CA GLY A 75 -14.37 26.08 -14.58
C GLY A 75 -13.25 25.19 -15.10
N GLN A 76 -13.48 23.90 -14.87
CA GLN A 76 -12.54 22.84 -15.28
C GLN A 76 -13.12 22.03 -16.42
N ASN A 77 -14.20 22.53 -17.03
CA ASN A 77 -14.87 21.86 -18.13
C ASN A 77 -14.28 22.26 -19.48
N GLY A 78 -14.70 21.55 -20.53
CA GLY A 78 -14.19 21.84 -21.88
C GLY A 78 -13.79 20.55 -22.60
N LEU A 79 -12.77 20.63 -23.43
CA LEU A 79 -12.23 19.46 -24.12
C LEU A 79 -11.25 18.79 -23.15
N LEU A 80 -11.53 17.52 -22.85
CA LEU A 80 -10.79 16.82 -21.80
C LEU A 80 -10.05 15.59 -22.28
N GLY A 81 -10.75 14.47 -22.44
CA GLY A 81 -10.10 13.23 -22.82
C GLY A 81 -9.49 13.29 -24.20
N PHE A 82 -8.39 12.59 -24.40
CA PHE A 82 -7.70 12.56 -25.69
C PHE A 82 -6.77 11.35 -25.75
N ALA A 83 -7.00 10.48 -26.73
CA ALA A 83 -6.17 9.31 -26.95
C ALA A 83 -6.22 8.84 -28.41
N PHE A 84 -5.16 8.16 -28.83
CA PHE A 84 -5.12 7.53 -30.13
C PHE A 84 -5.48 6.04 -30.02
N HIS A 85 -6.06 5.49 -31.07
CA HIS A 85 -6.20 4.03 -31.15
C HIS A 85 -4.77 3.47 -31.18
N PRO A 86 -4.51 2.39 -30.46
CA PRO A 86 -3.19 1.82 -30.34
C PRO A 86 -2.60 1.24 -31.62
N ASP A 87 -3.46 0.93 -32.57
CA ASP A 87 -3.03 0.44 -33.89
C ASP A 87 -3.52 1.44 -34.93
N PHE A 88 -3.03 2.68 -34.79
CA PHE A 88 -3.50 3.82 -35.56
C PHE A 88 -3.35 3.66 -37.06
N LYS A 89 -2.24 3.09 -37.51
CA LYS A 89 -2.02 2.93 -38.95
C LYS A 89 -3.14 2.12 -39.60
N ASN A 90 -3.73 1.19 -38.86
CA ASN A 90 -4.81 0.37 -39.38
C ASN A 90 -6.18 0.77 -38.87
N ASN A 91 -6.22 1.59 -37.84
CA ASN A 91 -7.46 2.07 -37.24
C ASN A 91 -7.26 3.53 -36.84
N PRO A 92 -7.36 4.42 -37.81
CA PRO A 92 -7.03 5.82 -37.63
C PRO A 92 -8.08 6.60 -36.87
N TYR A 93 -8.22 6.27 -35.59
CA TYR A 93 -9.21 6.89 -34.74
C TYR A 93 -8.58 7.62 -33.56
N ILE A 94 -9.23 8.73 -33.23
CA ILE A 94 -8.88 9.55 -32.07
C ILE A 94 -10.11 9.59 -31.18
N TYR A 95 -9.91 9.37 -29.88
CA TYR A 95 -10.99 9.35 -28.91
C TYR A 95 -10.86 10.56 -27.99
N ILE A 96 -11.97 11.27 -27.84
CA ILE A 96 -11.95 12.42 -26.93
C ILE A 96 -13.14 12.38 -25.98
N SER A 97 -13.10 13.27 -24.98
CA SER A 97 -14.26 13.54 -24.18
C SER A 97 -14.37 15.07 -24.09
N GLY A 98 -15.61 15.55 -24.01
CA GLY A 98 -15.77 17.00 -23.93
C GLY A 98 -17.09 17.36 -23.29
N THR A 99 -17.15 18.62 -22.85
CA THR A 99 -18.34 19.24 -22.28
C THR A 99 -19.19 19.83 -23.41
N PHE A 100 -20.42 19.37 -23.50
CA PHE A 100 -21.34 19.88 -24.53
C PHE A 100 -22.66 20.20 -23.86
N LYS A 101 -23.44 21.11 -24.47
CA LYS A 101 -24.76 21.39 -23.90
C LYS A 101 -25.61 20.11 -23.91
N ASN A 102 -26.45 19.97 -22.90
CA ASN A 102 -27.36 18.84 -22.82
C ASN A 102 -28.76 19.36 -23.15
N PRO A 103 -29.18 19.17 -24.39
CA PRO A 103 -30.48 19.64 -24.84
C PRO A 103 -31.58 19.03 -23.97
N LYS A 104 -31.30 17.86 -23.39
CA LYS A 104 -32.24 17.17 -22.53
C LYS A 104 -32.27 17.74 -21.12
N SER A 105 -31.40 18.68 -20.75
CA SER A 105 -31.43 19.18 -19.37
C SER A 105 -32.73 19.94 -19.12
N LYS A 108 -30.80 24.38 -15.35
CA LYS A 108 -30.03 25.61 -15.51
C LYS A 108 -28.74 25.53 -14.69
N GLU A 109 -28.84 24.77 -13.61
CA GLU A 109 -27.82 24.41 -12.67
C GLU A 109 -26.60 23.77 -13.35
N LEU A 110 -26.93 22.66 -13.98
CA LEU A 110 -25.99 21.80 -14.71
C LEU A 110 -26.57 21.61 -16.10
N PRO A 111 -26.35 22.59 -16.97
CA PRO A 111 -26.91 22.58 -18.31
C PRO A 111 -26.22 21.67 -19.30
N ASN A 112 -25.09 21.06 -18.91
CA ASN A 112 -24.27 20.33 -19.85
C ASN A 112 -24.18 18.84 -19.58
N GLN A 113 -23.54 18.17 -20.53
CA GLN A 113 -23.26 16.74 -20.43
C GLN A 113 -21.81 16.53 -20.84
N THR A 114 -21.25 15.38 -20.50
CA THR A 114 -19.95 14.98 -21.02
C THR A 114 -20.20 13.88 -22.07
N ILE A 115 -19.50 13.96 -23.18
CA ILE A 115 -19.65 12.95 -24.23
C ILE A 115 -18.28 12.39 -24.56
N ILE A 116 -18.18 11.07 -24.61
CA ILE A 116 -16.98 10.39 -25.11
C ILE A 116 -17.25 10.14 -26.60
N ARG A 117 -16.41 10.69 -27.45
CA ARG A 117 -16.62 10.66 -28.89
C ARG A 117 -15.40 10.18 -29.64
N ARG A 118 -15.64 9.50 -30.78
CA ARG A 118 -14.58 9.08 -31.66
C ARG A 118 -14.57 9.94 -32.94
N TYR A 119 -13.37 10.20 -33.43
CA TYR A 119 -13.19 10.85 -34.72
C TYR A 119 -12.29 9.95 -35.57
N THR A 120 -12.47 10.08 -36.88
CA THR A 120 -11.60 9.38 -37.83
C THR A 120 -10.60 10.38 -38.39
N TYR A 121 -9.32 10.05 -38.34
CA TYR A 121 -8.28 10.93 -38.88
C TYR A 121 -8.10 10.66 -40.38
N ASN A 122 -8.15 11.73 -41.17
CA ASN A 122 -7.94 11.66 -42.61
C ASN A 122 -6.55 12.22 -42.93
N LYS A 123 -5.63 11.34 -43.27
CA LYS A 123 -4.25 11.69 -43.51
C LYS A 123 -4.04 12.58 -44.73
N SER A 124 -4.85 12.41 -45.76
CA SER A 124 -4.67 13.20 -46.98
C SER A 124 -5.06 14.66 -46.81
N THR A 125 -6.08 14.94 -46.00
CA THR A 125 -6.51 16.31 -45.77
C THR A 125 -6.04 16.79 -44.40
N ASP A 126 -5.48 15.85 -43.64
CA ASP A 126 -4.95 16.15 -42.31
C ASP A 126 -5.97 16.81 -41.41
N THR A 127 -7.10 16.14 -41.20
CA THR A 127 -8.10 16.63 -40.27
C THR A 127 -8.93 15.47 -39.72
N LEU A 128 -9.85 15.80 -38.84
CA LEU A 128 -10.70 14.81 -38.20
C LEU A 128 -12.12 14.87 -38.77
N GLU A 129 -12.75 13.72 -38.93
CA GLU A 129 -14.09 13.67 -39.50
C GLU A 129 -14.90 12.51 -38.95
N LYS A 130 -16.15 12.41 -39.39
CA LYS A 130 -17.05 11.34 -39.03
C LYS A 130 -17.12 11.09 -37.52
N PRO A 131 -17.55 12.10 -36.78
CA PRO A 131 -17.74 11.98 -35.35
C PRO A 131 -18.76 10.92 -34.99
N VAL A 132 -18.45 10.13 -33.97
CA VAL A 132 -19.38 9.13 -33.44
C VAL A 132 -19.43 9.25 -31.92
N ASP A 133 -20.61 9.52 -31.39
CA ASP A 133 -20.76 9.61 -29.93
C ASP A 133 -20.76 8.19 -29.37
N LEU A 134 -19.78 7.87 -28.52
CA LEU A 134 -19.71 6.50 -27.96
C LEU A 134 -20.51 6.39 -26.67
N LEU A 135 -20.42 7.43 -25.84
CA LEU A 135 -21.15 7.47 -24.58
C LEU A 135 -21.51 8.91 -24.24
N ALA A 136 -22.79 9.21 -24.28
CA ALA A 136 -23.28 10.56 -24.03
C ALA A 136 -24.16 10.60 -22.78
N GLY A 137 -24.56 11.79 -22.35
CA GLY A 137 -25.41 11.95 -21.18
C GLY A 137 -24.63 11.73 -19.88
N LEU A 138 -23.31 11.84 -19.94
CA LEU A 138 -22.53 11.68 -18.70
C LEU A 138 -22.62 12.98 -17.91
N PRO A 139 -22.47 12.92 -16.59
CA PRO A 139 -22.48 14.11 -15.77
C PRO A 139 -21.46 15.14 -16.23
N SER A 140 -21.79 16.41 -15.99
CA SER A 140 -20.89 17.52 -16.28
C SER A 140 -21.14 18.64 -15.26
N SER A 141 -20.07 19.31 -14.86
CA SER A 141 -20.17 20.48 -13.98
C SER A 141 -18.90 21.30 -14.16
N LYS A 142 -18.72 22.38 -13.39
CA LYS A 142 -17.52 23.19 -13.51
C LYS A 142 -16.33 22.65 -12.72
N ASP A 143 -16.57 21.65 -11.88
CA ASP A 143 -15.51 21.18 -10.99
C ASP A 143 -15.31 19.66 -11.02
N HIS A 144 -14.08 19.26 -10.75
CA HIS A 144 -13.76 17.84 -10.63
C HIS A 144 -14.35 16.99 -11.76
N GLN A 145 -13.94 17.37 -12.98
CA GLN A 145 -14.36 16.65 -14.17
C GLN A 145 -13.42 15.50 -14.49
N SER A 146 -12.17 15.60 -14.07
CA SER A 146 -11.12 14.62 -14.30
C SER A 146 -10.90 14.49 -15.81
N GLY A 147 -11.46 13.46 -16.42
CA GLY A 147 -11.42 13.33 -17.86
C GLY A 147 -10.24 12.73 -18.55
N ARG A 148 -9.41 11.94 -17.87
CA ARG A 148 -8.33 11.25 -18.55
C ARG A 148 -8.91 10.03 -19.27
N LEU A 149 -8.51 9.89 -20.53
CA LEU A 149 -9.05 8.82 -21.37
C LEU A 149 -7.88 8.06 -21.97
N VAL A 150 -7.81 6.75 -21.65
CA VAL A 150 -6.70 5.95 -22.19
C VAL A 150 -7.25 4.63 -22.72
N ILE A 151 -6.48 3.99 -23.59
CA ILE A 151 -6.91 2.69 -24.12
C ILE A 151 -5.95 1.64 -23.55
N GLY A 152 -6.50 0.64 -22.86
CA GLY A 152 -5.65 -0.35 -22.22
C GLY A 152 -5.19 -1.45 -23.16
N PRO A 153 -4.31 -2.33 -22.64
CA PRO A 153 -3.79 -3.46 -23.37
C PRO A 153 -4.91 -4.38 -23.86
N ASP A 154 -6.05 -4.32 -23.18
CA ASP A 154 -7.23 -5.10 -23.50
C ASP A 154 -8.08 -4.46 -24.58
N GLN A 155 -7.62 -3.34 -25.13
CA GLN A 155 -8.31 -2.59 -26.17
C GLN A 155 -9.64 -2.03 -25.69
N LYS A 156 -9.72 -1.69 -24.41
CA LYS A 156 -10.90 -1.01 -23.86
C LYS A 156 -10.51 0.42 -23.49
N ILE A 157 -11.51 1.29 -23.51
CA ILE A 157 -11.31 2.66 -23.06
C ILE A 157 -11.47 2.71 -21.55
N TYR A 158 -10.53 3.38 -20.90
CA TYR A 158 -10.58 3.63 -19.46
C TYR A 158 -10.71 5.16 -19.32
N TYR A 159 -11.71 5.56 -18.57
CA TYR A 159 -11.97 6.99 -18.45
C TYR A 159 -12.24 7.45 -17.02
N THR A 160 -11.55 8.51 -16.60
CA THR A 160 -11.84 9.02 -15.25
C THR A 160 -12.91 10.11 -15.31
N ILE A 161 -13.92 9.98 -14.46
CA ILE A 161 -14.97 11.00 -14.38
C ILE A 161 -15.09 11.38 -12.90
N GLY A 162 -14.77 12.64 -12.60
CA GLY A 162 -14.72 13.09 -11.22
C GLY A 162 -16.06 13.18 -10.53
N ASP A 163 -16.00 13.51 -9.23
CA ASP A 163 -17.19 13.59 -8.41
C ASP A 163 -17.99 14.88 -8.63
N GLN A 164 -17.58 15.66 -9.62
CA GLN A 164 -18.31 16.85 -10.04
C GLN A 164 -18.28 17.98 -9.04
N GLY A 165 -17.46 17.89 -8.01
CA GLY A 165 -17.33 18.92 -6.99
C GLY A 165 -18.41 18.86 -5.92
N ARG A 166 -19.24 17.82 -5.90
CA ARG A 166 -20.29 17.74 -4.88
C ARG A 166 -19.66 17.71 -3.48
N ASN A 167 -20.30 18.42 -2.55
CA ASN A 167 -19.86 18.57 -1.18
C ASN A 167 -18.71 19.54 -1.02
N GLN A 168 -18.55 20.51 -1.93
CA GLN A 168 -17.60 21.58 -1.75
C GLN A 168 -17.99 22.78 -2.63
N LEU A 169 -17.66 23.96 -2.13
CA LEU A 169 -17.82 25.22 -2.83
C LEU A 169 -19.18 25.37 -3.49
N ALA A 170 -19.25 25.63 -4.79
CA ALA A 170 -20.54 25.89 -5.43
C ALA A 170 -21.52 24.73 -5.40
N TYR A 171 -21.02 23.51 -5.15
CA TYR A 171 -21.87 22.33 -5.15
C TYR A 171 -21.91 21.69 -3.76
N LEU A 172 -21.68 22.51 -2.75
CA LEU A 172 -21.62 22.07 -1.36
C LEU A 172 -22.76 21.19 -0.91
N PHE A 173 -23.99 21.56 -1.23
CA PHE A 173 -25.17 20.84 -0.75
C PHE A 173 -25.65 19.70 -1.63
N LEU A 174 -24.98 19.39 -2.73
CA LEU A 174 -25.42 18.26 -3.55
C LEU A 174 -24.82 16.97 -2.98
N PRO A 175 -25.59 15.91 -2.92
CA PRO A 175 -25.12 14.65 -2.35
C PRO A 175 -24.10 13.97 -3.25
N ASN A 176 -22.93 13.70 -2.71
CA ASN A 176 -21.85 13.10 -3.50
C ASN A 176 -22.24 11.71 -3.97
N GLN A 177 -22.00 11.41 -5.24
CA GLN A 177 -22.35 10.11 -5.81
C GLN A 177 -21.17 9.17 -6.01
N ALA A 178 -19.99 9.51 -5.50
CA ALA A 178 -18.82 8.67 -5.75
C ALA A 178 -19.05 7.22 -5.30
N GLN A 179 -19.83 7.02 -4.24
CA GLN A 179 -20.07 5.66 -3.76
C GLN A 179 -21.28 4.98 -4.41
N HIS A 180 -22.05 5.72 -5.21
CA HIS A 180 -23.28 5.17 -5.78
C HIS A 180 -23.09 4.54 -7.15
N THR A 181 -23.92 3.53 -7.43
CA THR A 181 -23.86 2.80 -8.69
C THR A 181 -25.28 2.66 -9.24
N PRO A 182 -25.42 2.41 -10.53
CA PRO A 182 -26.71 2.39 -11.16
C PRO A 182 -27.52 1.14 -10.91
N THR A 183 -28.84 1.30 -10.96
CA THR A 183 -29.76 0.18 -10.98
C THR A 183 -29.82 -0.32 -12.43
N GLN A 184 -30.33 -1.52 -12.63
CA GLN A 184 -30.46 -2.03 -13.99
C GLN A 184 -31.42 -1.14 -14.78
N GLN A 185 -32.43 -0.60 -14.11
CA GLN A 185 -33.36 0.32 -14.76
C GLN A 185 -32.62 1.55 -15.28
N GLU A 186 -31.91 2.24 -14.39
CA GLU A 186 -31.16 3.43 -14.79
C GLU A 186 -30.31 3.15 -16.01
N LEU A 187 -29.55 2.05 -15.90
CA LEU A 187 -28.63 1.65 -16.96
C LEU A 187 -29.40 1.46 -18.26
N ASN A 188 -30.51 0.73 -18.16
CA ASN A 188 -31.36 0.46 -19.31
C ASN A 188 -31.92 1.75 -19.92
N GLY A 189 -32.09 2.79 -19.11
CA GLY A 189 -32.59 4.08 -19.59
C GLY A 189 -31.48 5.07 -19.90
N LYS A 190 -30.23 4.63 -19.89
CA LYS A 190 -29.09 5.50 -20.18
C LYS A 190 -29.02 6.66 -19.20
N ASP A 191 -29.36 6.39 -17.95
CA ASP A 191 -29.28 7.37 -16.86
C ASP A 191 -27.96 7.15 -16.12
N TYR A 192 -27.00 8.03 -16.38
CA TYR A 192 -25.65 7.89 -15.85
C TYR A 192 -25.33 8.87 -14.72
N HIS A 193 -26.35 9.25 -13.97
CA HIS A 193 -26.19 10.16 -12.85
C HIS A 193 -25.18 9.62 -11.84
N THR A 194 -25.12 8.28 -11.69
CA THR A 194 -24.16 7.73 -10.71
C THR A 194 -22.74 7.66 -11.28
N TYR A 195 -22.54 8.01 -12.54
CA TYR A 195 -21.22 8.00 -13.14
C TYR A 195 -20.45 9.27 -12.74
N MET A 196 -20.24 9.37 -11.43
CA MET A 196 -19.49 10.46 -10.83
C MET A 196 -18.47 9.84 -9.85
N GLY A 197 -17.23 10.26 -9.92
CA GLY A 197 -16.20 9.73 -9.03
C GLY A 197 -15.92 8.27 -9.34
N LYS A 198 -15.72 7.98 -10.63
CA LYS A 198 -15.50 6.65 -11.11
C LYS A 198 -14.37 6.56 -12.13
N VAL A 199 -13.85 5.35 -12.29
CA VAL A 199 -13.04 4.99 -13.43
C VAL A 199 -13.99 4.13 -14.27
N LEU A 200 -14.34 4.57 -15.48
CA LEU A 200 -15.18 3.76 -16.35
C LEU A 200 -14.30 2.92 -17.28
N ARG A 201 -14.82 1.76 -17.67
CA ARG A 201 -14.16 0.88 -18.63
C ARG A 201 -15.22 0.54 -19.69
N LEU A 202 -14.92 0.97 -20.92
CA LEU A 202 -15.88 0.84 -22.01
C LEU A 202 -15.30 0.08 -23.19
N ASN A 203 -16.20 -0.56 -23.94
CA ASN A 203 -15.79 -1.15 -25.23
C ASN A 203 -15.51 0.02 -26.18
N LEU A 204 -14.75 -0.23 -27.24
CA LEU A 204 -14.42 0.85 -28.17
C LEU A 204 -15.64 1.49 -28.82
N ASP A 205 -16.79 0.81 -28.80
CA ASP A 205 -18.01 1.39 -29.35
C ASP A 205 -18.88 2.05 -28.30
N GLY A 206 -18.37 2.10 -27.06
CA GLY A 206 -19.06 2.73 -25.95
C GLY A 206 -19.94 1.78 -25.14
N SER A 207 -20.07 0.52 -25.58
CA SER A 207 -20.92 -0.43 -24.87
C SER A 207 -20.24 -0.94 -23.60
N ILE A 208 -21.00 -1.67 -22.78
CA ILE A 208 -20.49 -2.21 -21.53
C ILE A 208 -19.73 -3.52 -21.74
N PRO A 209 -18.48 -3.60 -21.33
CA PRO A 209 -17.71 -4.84 -21.41
C PRO A 209 -18.38 -5.95 -20.62
N LYS A 210 -18.55 -7.11 -21.25
CA LYS A 210 -19.20 -8.24 -20.60
C LYS A 210 -18.45 -8.73 -19.37
N ASP A 211 -17.18 -8.38 -19.27
CA ASP A 211 -16.37 -8.81 -18.13
C ASP A 211 -16.10 -7.63 -17.19
N ASN A 212 -16.90 -6.57 -17.26
CA ASN A 212 -16.74 -5.52 -16.26
C ASN A 212 -17.18 -6.09 -14.91
N PRO A 213 -16.73 -5.47 -13.83
CA PRO A 213 -17.13 -5.89 -12.50
C PRO A 213 -18.58 -5.58 -12.22
N SER A 214 -19.12 -6.24 -11.20
CA SER A 214 -20.48 -6.02 -10.75
C SER A 214 -20.48 -5.19 -9.47
N PHE A 215 -21.35 -4.18 -9.43
CA PHE A 215 -21.47 -3.31 -8.27
C PHE A 215 -22.92 -3.34 -7.83
N ASN A 216 -23.12 -3.64 -6.54
CA ASN A 216 -24.47 -3.70 -5.99
C ASN A 216 -25.40 -4.54 -6.89
N GLY A 217 -24.84 -5.56 -7.52
CA GLY A 217 -25.58 -6.48 -8.36
C GLY A 217 -25.75 -6.14 -9.83
N VAL A 218 -25.04 -5.14 -10.35
CA VAL A 218 -25.20 -4.75 -11.75
C VAL A 218 -23.86 -4.51 -12.42
N VAL A 219 -23.75 -4.92 -13.67
CA VAL A 219 -22.55 -4.67 -14.46
C VAL A 219 -22.84 -3.43 -15.32
N SER A 220 -22.09 -2.37 -15.06
CA SER A 220 -22.26 -1.11 -15.80
C SER A 220 -20.91 -0.75 -16.39
N HIS A 221 -20.76 0.50 -16.84
CA HIS A 221 -19.48 0.96 -17.36
C HIS A 221 -18.48 1.16 -16.21
N ILE A 222 -18.98 1.14 -14.97
CA ILE A 222 -18.09 1.39 -13.83
C ILE A 222 -17.05 0.27 -13.66
N TYR A 223 -15.80 0.67 -13.52
CA TYR A 223 -14.69 -0.25 -13.27
C TYR A 223 -14.27 -0.14 -11.81
N THR A 224 -14.09 1.08 -11.33
CA THR A 224 -13.85 1.36 -9.92
C THR A 224 -14.65 2.57 -9.49
N LEU A 225 -14.93 2.67 -8.19
CA LEU A 225 -15.69 3.79 -7.67
C LEU A 225 -14.99 4.42 -6.47
N GLY A 226 -15.58 5.48 -5.91
CA GLY A 226 -15.02 6.13 -4.73
C GLY A 226 -13.84 7.03 -5.02
N HIS A 227 -13.95 7.84 -6.09
CA HIS A 227 -12.91 8.78 -6.46
C HIS A 227 -13.41 10.23 -6.40
N ARG A 228 -12.46 11.12 -6.16
CA ARG A 228 -12.76 12.55 -6.11
C ARG A 228 -12.41 13.24 -7.42
N ASN A 229 -11.15 13.55 -7.67
CA ASN A 229 -10.78 14.17 -8.95
C ASN A 229 -9.51 13.54 -9.49
N PRO A 230 -9.65 12.34 -10.06
CA PRO A 230 -8.52 11.61 -10.62
C PRO A 230 -8.12 12.10 -12.01
N GLN A 231 -7.17 13.04 -12.05
CA GLN A 231 -6.73 13.59 -13.34
C GLN A 231 -5.60 12.82 -13.95
N GLY A 232 -5.05 11.79 -13.29
CA GLY A 232 -3.94 11.03 -13.84
C GLY A 232 -4.32 9.56 -13.99
N LEU A 233 -4.04 9.00 -15.17
CA LEU A 233 -4.33 7.59 -15.42
C LEU A 233 -3.30 7.09 -16.41
N ALA A 234 -2.58 6.01 -16.08
CA ALA A 234 -1.53 5.53 -16.98
C ALA A 234 -1.24 4.05 -16.78
N PHE A 235 -1.21 3.31 -17.88
CA PHE A 235 -0.84 1.90 -17.85
C PHE A 235 0.67 1.75 -17.80
N THR A 236 1.10 0.70 -17.09
CA THR A 236 2.52 0.37 -17.02
C THR A 236 2.84 -0.67 -18.11
N PRO A 237 4.13 -0.91 -18.32
CA PRO A 237 4.53 -1.87 -19.35
C PRO A 237 4.04 -3.27 -19.05
N ASN A 238 3.80 -3.62 -17.79
CA ASN A 238 3.29 -4.95 -17.49
C ASN A 238 1.77 -4.98 -17.30
N GLY A 239 1.06 -3.97 -17.79
CA GLY A 239 -0.39 -3.98 -17.82
C GLY A 239 -1.14 -3.51 -16.59
N LYS A 240 -0.40 -2.97 -15.61
CA LYS A 240 -1.06 -2.46 -14.41
C LYS A 240 -1.53 -1.03 -14.66
N LEU A 241 -2.47 -0.57 -13.86
CA LEU A 241 -3.03 0.77 -14.08
C LEU A 241 -2.79 1.67 -12.87
N LEU A 242 -1.94 2.67 -13.09
CA LEU A 242 -1.62 3.64 -12.05
C LEU A 242 -2.47 4.89 -12.23
N GLN A 243 -2.65 5.61 -11.14
CA GLN A 243 -3.55 6.76 -11.16
C GLN A 243 -3.11 7.80 -10.17
N SER A 244 -3.36 9.08 -10.46
CA SER A 244 -3.16 10.15 -9.50
C SER A 244 -4.53 10.81 -9.29
N GLU A 245 -4.74 11.30 -8.08
CA GLU A 245 -6.05 11.85 -7.74
C GLU A 245 -5.95 12.97 -6.72
N GLN A 246 -6.66 14.06 -7.00
CA GLN A 246 -6.68 15.19 -6.11
C GLN A 246 -7.60 14.95 -4.92
N GLY A 247 -7.05 15.21 -3.73
CA GLY A 247 -7.83 15.15 -2.49
C GLY A 247 -8.24 16.57 -2.10
N PRO A 248 -8.93 16.69 -0.98
CA PRO A 248 -9.44 17.98 -0.51
C PRO A 248 -8.35 18.87 0.06
N ASN A 249 -8.29 19.07 1.39
CA ASN A 249 -7.22 19.87 1.95
C ASN A 249 -5.96 19.02 2.22
N SER A 250 -6.09 17.73 1.98
CA SER A 250 -5.05 16.76 2.28
C SER A 250 -5.22 15.55 1.35
N ASP A 251 -4.26 14.64 1.46
CA ASP A 251 -4.42 13.30 0.90
C ASP A 251 -4.70 13.24 -0.60
N ASP A 252 -3.87 13.95 -1.36
CA ASP A 252 -3.86 13.68 -2.81
C ASP A 252 -3.34 12.23 -2.85
N GLU A 253 -3.62 11.47 -3.89
CA GLU A 253 -3.24 10.06 -3.87
C GLU A 253 -2.57 9.59 -5.15
N ILE A 254 -1.72 8.58 -5.01
CA ILE A 254 -1.26 7.75 -6.11
C ILE A 254 -1.95 6.40 -5.86
N ASN A 255 -2.80 5.93 -6.77
CA ASN A 255 -3.51 4.69 -6.60
C ASN A 255 -3.14 3.66 -7.67
N LEU A 256 -3.31 2.40 -7.26
CA LEU A 256 -3.18 1.26 -8.16
C LEU A 256 -4.63 0.83 -8.43
N ILE A 257 -5.06 0.91 -9.68
CA ILE A 257 -6.45 0.63 -10.00
C ILE A 257 -6.69 -0.85 -10.27
N VAL A 258 -7.54 -1.45 -9.43
CA VAL A 258 -7.89 -2.86 -9.56
C VAL A 258 -9.39 -3.00 -9.76
N LYS A 259 -9.74 -3.92 -10.67
CA LYS A 259 -11.11 -4.18 -11.06
C LYS A 259 -12.04 -4.33 -9.87
N GLY A 260 -13.09 -3.52 -9.80
CA GLY A 260 -14.09 -3.62 -8.76
C GLY A 260 -13.70 -2.94 -7.46
N GLY A 261 -12.54 -2.28 -7.43
CA GLY A 261 -12.13 -1.62 -6.18
C GLY A 261 -12.96 -0.40 -5.85
N ASN A 262 -13.03 -0.08 -4.56
CA ASN A 262 -13.69 1.09 -4.00
C ASN A 262 -12.61 1.95 -3.36
N TYR A 263 -12.38 3.15 -3.90
CA TYR A 263 -11.27 4.00 -3.47
C TYR A 263 -11.66 4.94 -2.35
N GLY A 264 -12.81 4.73 -1.74
CA GLY A 264 -13.22 5.36 -0.53
C GLY A 264 -13.81 6.74 -0.45
N TRP A 265 -13.62 7.58 -1.46
CA TRP A 265 -14.18 8.94 -1.39
C TRP A 265 -15.70 8.92 -1.49
N PRO A 266 -16.39 9.77 -0.74
CA PRO A 266 -15.87 10.77 0.13
C PRO A 266 -15.71 10.37 1.60
N ASN A 267 -16.03 9.12 1.89
CA ASN A 267 -15.96 8.67 3.29
C ASN A 267 -14.54 8.55 3.79
N VAL A 268 -13.58 8.29 2.90
CA VAL A 268 -12.20 8.19 3.29
C VAL A 268 -11.28 8.96 2.34
N ALA A 269 -10.45 9.83 2.89
CA ALA A 269 -9.44 10.55 2.13
C ALA A 269 -8.09 9.89 2.44
N GLY A 270 -7.40 9.34 1.46
CA GLY A 270 -6.12 8.69 1.69
C GLY A 270 -6.36 7.35 2.40
N TYR A 271 -5.50 7.12 3.39
CA TYR A 271 -5.67 5.90 4.20
C TYR A 271 -6.88 6.02 5.11
N LYS A 272 -7.41 4.89 5.55
CA LYS A 272 -8.50 4.89 6.52
C LYS A 272 -7.86 5.03 7.90
N ASP A 273 -7.50 6.26 8.25
CA ASP A 273 -6.69 6.53 9.43
C ASP A 273 -7.29 7.51 10.43
N ASP A 274 -8.44 8.09 10.13
CA ASP A 274 -9.04 9.11 10.98
C ASP A 274 -8.05 10.22 11.28
N SER A 275 -7.18 10.55 10.33
CA SER A 275 -6.14 11.54 10.57
C SER A 275 -6.18 12.72 9.60
N GLY A 276 -6.59 13.87 10.13
CA GLY A 276 -6.58 15.10 9.35
C GLY A 276 -7.78 15.30 8.45
N TYR A 277 -8.72 14.38 8.38
CA TYR A 277 -9.91 14.46 7.56
C TYR A 277 -11.06 13.74 8.23
N ALA A 278 -12.28 14.22 8.04
CA ALA A 278 -13.49 13.51 8.40
C ALA A 278 -14.57 13.88 7.35
N TYR A 279 -15.56 13.03 7.18
CA TYR A 279 -16.57 13.29 6.16
C TYR A 279 -17.74 14.07 6.73
N ALA A 280 -17.78 15.36 6.38
CA ALA A 280 -18.88 16.24 6.78
C ALA A 280 -19.83 16.33 5.59
N ASN A 281 -21.00 15.74 5.72
CA ASN A 281 -21.94 15.65 4.60
C ASN A 281 -22.92 16.81 4.59
N TYR A 282 -22.60 17.87 3.83
CA TYR A 282 -23.47 19.04 3.79
C TYR A 282 -24.82 18.76 3.15
N SER A 283 -24.95 17.81 2.25
CA SER A 283 -26.24 17.49 1.66
C SER A 283 -27.20 16.96 2.73
N ALA A 284 -26.65 16.49 3.84
CA ALA A 284 -27.46 15.98 4.94
C ALA A 284 -27.58 17.03 6.04
N ALA A 285 -27.04 18.21 5.81
CA ALA A 285 -27.08 19.27 6.81
C ALA A 285 -28.52 19.77 7.03
N ALA A 286 -28.72 20.41 8.18
CA ALA A 286 -30.02 20.91 8.58
C ALA A 286 -30.55 21.98 7.62
N ASN A 287 -29.81 23.08 7.54
CA ASN A 287 -30.12 24.20 6.68
C ASN A 287 -29.13 24.29 5.53
N LYS A 288 -29.57 24.86 4.42
CA LYS A 288 -28.64 25.07 3.30
C LYS A 288 -27.96 26.42 3.50
N SER A 289 -28.07 26.92 4.74
CA SER A 289 -27.44 28.18 5.11
C SER A 289 -26.19 27.92 5.94
N ILE A 290 -25.96 26.66 6.29
CA ILE A 290 -24.78 26.26 7.04
C ILE A 290 -23.52 26.53 6.24
N LYS A 291 -22.46 26.99 6.89
CA LYS A 291 -21.21 27.29 6.23
C LYS A 291 -20.19 26.17 6.38
N ASP A 292 -19.36 26.05 5.35
CA ASP A 292 -18.25 25.11 5.35
C ASP A 292 -17.02 25.82 5.91
N LEU A 293 -16.57 25.40 7.10
CA LEU A 293 -15.40 26.03 7.70
C LEU A 293 -14.11 25.73 6.96
N ALA A 294 -14.14 24.76 6.04
CA ALA A 294 -13.00 24.44 5.20
C ALA A 294 -11.75 24.02 5.99
N GLN A 295 -12.04 23.23 7.03
CA GLN A 295 -11.00 22.66 7.88
C GLN A 295 -10.96 21.15 7.69
N ASN A 296 -11.29 20.71 6.48
CA ASN A 296 -11.17 19.30 6.10
C ASN A 296 -12.03 18.38 6.94
N GLY A 297 -13.10 18.90 7.54
CA GLY A 297 -14.01 18.05 8.30
C GLY A 297 -13.58 17.86 9.76
N VAL A 298 -12.40 18.33 10.08
CA VAL A 298 -11.85 18.19 11.44
C VAL A 298 -12.55 19.15 12.40
N LYS A 299 -12.90 20.32 11.92
CA LYS A 299 -13.63 21.33 12.69
C LYS A 299 -14.79 21.78 11.79
N VAL A 300 -16.02 21.64 12.26
CA VAL A 300 -17.16 22.00 11.41
C VAL A 300 -18.15 22.87 12.17
N ALA A 301 -18.98 23.58 11.41
CA ALA A 301 -20.05 24.39 12.00
C ALA A 301 -21.13 23.45 12.51
N ALA A 302 -21.99 23.93 13.42
CA ALA A 302 -23.08 23.09 13.91
C ALA A 302 -24.09 22.83 12.80
N GLY A 303 -24.70 21.65 12.79
CA GLY A 303 -25.74 21.31 11.84
C GLY A 303 -25.34 20.40 10.69
N VAL A 304 -24.08 19.99 10.63
CA VAL A 304 -23.65 19.10 9.55
C VAL A 304 -23.15 17.78 10.15
N PRO A 305 -23.72 16.68 9.70
CA PRO A 305 -23.35 15.36 10.19
C PRO A 305 -21.96 14.97 9.76
N VAL A 306 -21.15 14.51 10.71
CA VAL A 306 -19.77 14.12 10.44
C VAL A 306 -19.59 12.63 10.70
N THR A 307 -18.94 11.95 9.77
CA THR A 307 -18.64 10.53 9.89
C THR A 307 -17.13 10.37 9.84
N LYS A 308 -16.56 9.65 10.82
CA LYS A 308 -15.13 9.39 10.76
C LYS A 308 -14.86 8.34 9.68
N GLU A 309 -13.62 8.32 9.19
CA GLU A 309 -13.28 7.32 8.16
C GLU A 309 -13.54 5.90 8.68
N SER A 310 -13.22 5.69 9.96
CA SER A 310 -13.37 4.37 10.57
C SER A 310 -14.80 4.02 10.87
N GLU A 311 -15.74 4.95 10.69
CA GLU A 311 -17.15 4.68 10.91
C GLU A 311 -17.89 4.29 9.64
N TRP A 312 -17.23 4.44 8.48
CA TRP A 312 -17.84 4.07 7.21
C TRP A 312 -18.03 2.56 7.10
N THR A 313 -19.15 2.13 6.52
CA THR A 313 -19.38 0.71 6.32
C THR A 313 -19.22 0.24 4.88
N GLY A 314 -18.24 0.75 4.17
CA GLY A 314 -17.98 0.36 2.79
C GLY A 314 -17.37 -1.00 2.59
N LYS A 315 -17.30 -1.39 1.32
CA LYS A 315 -16.83 -2.68 0.88
C LYS A 315 -15.78 -2.55 -0.21
N ASN A 316 -14.80 -3.42 -0.22
CA ASN A 316 -13.74 -3.44 -1.21
C ASN A 316 -12.90 -2.18 -1.20
N PHE A 317 -12.70 -1.61 -0.02
CA PHE A 317 -11.89 -0.41 0.10
C PHE A 317 -10.42 -0.68 -0.21
N VAL A 318 -9.86 0.09 -1.13
CA VAL A 318 -8.48 0.04 -1.55
C VAL A 318 -7.75 1.32 -1.20
N PRO A 319 -6.75 1.27 -0.33
CA PRO A 319 -5.95 2.40 0.07
C PRO A 319 -4.97 2.82 -1.00
N PRO A 320 -4.54 4.08 -0.97
CA PRO A 320 -3.56 4.58 -1.91
C PRO A 320 -2.19 3.98 -1.72
N LEU A 321 -1.39 3.94 -2.76
CA LEU A 321 0.01 3.54 -2.67
C LEU A 321 0.81 4.61 -1.94
N LYS A 322 0.42 5.86 -2.15
CA LYS A 322 1.11 7.02 -1.61
C LYS A 322 0.17 8.19 -1.45
N THR A 323 0.32 8.93 -0.36
CA THR A 323 -0.47 10.14 -0.14
C THR A 323 0.44 11.36 -0.16
N LEU A 324 -0.08 12.42 -0.78
CA LEU A 324 0.64 13.69 -0.88
C LEU A 324 -0.28 14.83 -0.48
N TYR A 325 -0.53 15.02 0.79
CA TYR A 325 0.14 14.36 1.90
C TYR A 325 -0.83 14.04 3.03
N THR A 326 -0.38 13.25 4.03
CA THR A 326 -1.20 12.96 5.20
C THR A 326 -0.68 13.74 6.42
N VAL A 327 -1.61 14.31 7.16
CA VAL A 327 -1.27 15.07 8.36
C VAL A 327 -2.12 14.56 9.52
N GLN A 328 -1.74 15.04 10.71
CA GLN A 328 -2.47 14.67 11.92
C GLN A 328 -3.56 15.68 12.26
N ASP A 329 -4.43 15.32 13.21
CA ASP A 329 -5.56 16.16 13.57
C ASP A 329 -5.14 17.52 14.12
N THR A 330 -3.92 17.65 14.61
CA THR A 330 -3.41 18.90 15.14
C THR A 330 -2.98 19.86 14.04
N TYR A 331 -3.00 19.43 12.78
CA TYR A 331 -2.57 20.26 11.68
C TYR A 331 -3.46 21.50 11.53
N ASN A 332 -2.83 22.63 11.26
CA ASN A 332 -3.55 23.89 11.09
C ASN A 332 -3.78 24.22 9.61
N TYR A 333 -5.01 24.07 9.15
CA TYR A 333 -5.33 24.33 7.74
C TYR A 333 -5.36 25.81 7.41
N ASN A 334 -5.16 26.66 8.41
CA ASN A 334 -5.13 28.11 8.11
C ASN A 334 -3.73 28.65 8.26
N ASP A 335 -2.87 28.38 7.28
CA ASP A 335 -1.47 28.81 7.29
C ASP A 335 -1.32 30.24 6.81
N PRO A 336 -0.91 31.11 7.73
CA PRO A 336 -0.71 32.51 7.44
C PRO A 336 0.27 32.78 6.32
N THR A 337 1.20 31.87 6.07
CA THR A 337 2.19 32.04 5.02
C THR A 337 1.56 32.28 3.65
N CYS A 338 0.38 31.74 3.42
CA CYS A 338 -0.28 31.89 2.12
C CYS A 338 -1.25 33.07 2.09
N GLY A 339 -1.18 33.92 3.10
CA GLY A 339 -2.03 35.10 3.17
C GLY A 339 -3.45 34.85 2.72
N GLU A 340 -3.84 35.50 1.63
CA GLU A 340 -5.20 35.39 1.12
C GLU A 340 -5.54 34.04 0.50
N MET A 341 -4.61 33.43 -0.22
CA MET A 341 -4.89 32.14 -0.86
C MET A 341 -4.50 31.00 0.07
N THR A 342 -5.20 30.96 1.21
CA THR A 342 -4.97 29.99 2.26
C THR A 342 -4.75 28.57 1.73
N TYR A 343 -5.54 28.16 0.76
CA TYR A 343 -5.46 26.80 0.22
C TYR A 343 -4.09 26.41 -0.27
N ILE A 344 -3.33 27.29 -0.90
CA ILE A 344 -2.02 26.90 -1.43
C ILE A 344 -1.15 26.26 -0.36
N CYS A 345 -1.36 26.62 0.91
CA CYS A 345 -0.53 26.07 1.98
C CYS A 345 -1.02 24.74 2.53
N TRP A 346 -2.17 24.28 2.09
CA TRP A 346 -2.68 22.98 2.53
C TRP A 346 -1.68 21.89 2.14
N PRO A 347 -1.69 20.79 2.88
CA PRO A 347 -0.81 19.66 2.66
C PRO A 347 -1.23 18.79 1.48
N THR A 348 -1.25 19.42 0.32
CA THR A 348 -1.60 18.77 -0.95
C THR A 348 -0.63 19.27 -2.02
N VAL A 349 -0.65 18.64 -3.18
CA VAL A 349 0.21 19.06 -4.29
C VAL A 349 -0.62 19.32 -5.54
N ALA A 350 -1.89 18.97 -5.54
CA ALA A 350 -2.75 19.15 -6.71
C ALA A 350 -2.17 18.53 -7.97
N PRO A 351 -2.09 17.20 -8.01
CA PRO A 351 -1.55 16.46 -9.14
C PRO A 351 -2.50 16.55 -10.33
N SER A 352 -1.92 16.90 -11.49
CA SER A 352 -2.76 17.16 -12.66
C SER A 352 -2.70 16.05 -13.71
N SER A 353 -1.84 15.06 -13.52
CA SER A 353 -1.70 13.97 -14.48
C SER A 353 -0.81 12.89 -13.84
N ALA A 354 -0.52 11.85 -14.62
CA ALA A 354 0.35 10.77 -14.17
C ALA A 354 0.93 10.13 -15.44
N TYR A 355 2.23 9.97 -15.50
CA TYR A 355 2.87 9.46 -16.70
C TYR A 355 3.90 8.38 -16.37
N VAL A 356 3.79 7.24 -17.05
CA VAL A 356 4.74 6.15 -16.80
C VAL A 356 5.97 6.35 -17.66
N TYR A 357 7.11 6.61 -17.05
CA TYR A 357 8.37 6.85 -17.75
C TYR A 357 8.92 5.53 -18.29
N LYS A 358 9.04 5.44 -19.60
CA LYS A 358 9.44 4.19 -20.24
C LYS A 358 10.91 4.09 -20.59
N GLY A 359 11.72 5.11 -20.32
CA GLY A 359 13.14 5.04 -20.61
C GLY A 359 13.44 5.11 -22.11
N GLY A 360 14.40 4.31 -22.54
CA GLY A 360 14.83 4.31 -23.95
C GLY A 360 16.34 4.32 -24.03
N LYS A 361 16.89 4.45 -25.24
CA LYS A 361 18.33 4.42 -25.44
C LYS A 361 19.09 5.48 -24.67
N LYS A 362 18.43 6.60 -24.34
CA LYS A 362 19.09 7.66 -23.59
C LYS A 362 18.39 7.83 -22.23
N ALA A 363 17.90 6.71 -21.71
CA ALA A 363 17.18 6.72 -20.44
C ALA A 363 17.95 7.44 -19.34
N ILE A 364 17.24 8.23 -18.54
CA ILE A 364 17.87 8.97 -17.45
C ILE A 364 18.24 7.99 -16.33
N THR A 365 19.51 8.05 -15.94
CA THR A 365 20.03 7.14 -14.94
C THR A 365 19.19 7.14 -13.67
N GLY A 366 18.79 5.96 -13.23
CA GLY A 366 18.02 5.78 -12.02
C GLY A 366 16.52 5.94 -12.15
N TRP A 367 16.03 6.34 -13.32
CA TRP A 367 14.60 6.57 -13.49
C TRP A 367 13.82 5.36 -13.93
N GLU A 368 14.38 4.15 -13.87
CA GLU A 368 13.64 2.95 -14.23
C GLU A 368 12.39 2.82 -13.37
N ASN A 369 11.28 2.46 -14.00
CA ASN A 369 10.03 2.21 -13.28
C ASN A 369 9.54 3.38 -12.47
N THR A 370 9.69 4.60 -13.02
CA THR A 370 9.18 5.78 -12.33
C THR A 370 7.86 6.26 -12.94
N LEU A 371 7.10 6.90 -12.10
CA LEU A 371 5.85 7.59 -12.44
C LEU A 371 6.09 9.08 -12.28
N LEU A 372 5.81 9.88 -13.31
CA LEU A 372 5.99 11.32 -13.23
C LEU A 372 4.65 11.99 -13.00
N VAL A 373 4.56 12.82 -11.96
CA VAL A 373 3.30 13.45 -11.59
C VAL A 373 3.45 14.96 -11.46
N PRO A 374 2.91 15.70 -12.42
CA PRO A 374 2.98 17.15 -12.38
C PRO A 374 2.10 17.71 -11.27
N SER A 375 2.58 18.80 -10.67
CA SER A 375 1.88 19.51 -9.63
C SER A 375 1.49 20.92 -10.11
N LEU A 376 0.22 21.23 -9.91
CA LEU A 376 -0.24 22.58 -10.27
C LEU A 376 0.22 23.62 -9.25
N LYS A 377 -0.16 23.44 -8.00
CA LYS A 377 0.08 24.43 -6.95
C LYS A 377 1.52 24.54 -6.49
N ARG A 378 2.33 23.50 -6.61
CA ARG A 378 3.70 23.57 -6.14
C ARG A 378 4.73 23.91 -7.22
N GLY A 379 4.31 23.88 -8.49
CA GLY A 379 5.24 24.20 -9.56
C GLY A 379 6.43 23.25 -9.66
N VAL A 380 6.16 21.96 -9.50
CA VAL A 380 7.18 20.94 -9.65
C VAL A 380 6.59 19.75 -10.42
N ILE A 381 7.45 18.90 -10.93
CA ILE A 381 7.07 17.61 -11.46
C ILE A 381 7.65 16.58 -10.47
N PHE A 382 6.80 15.73 -9.93
CA PHE A 382 7.32 14.72 -9.00
C PHE A 382 7.76 13.46 -9.76
N ARG A 383 8.83 12.86 -9.25
CA ARG A 383 9.27 11.56 -9.74
C ARG A 383 9.03 10.54 -8.62
N ILE A 384 8.26 9.51 -8.93
CA ILE A 384 7.95 8.48 -7.93
C ILE A 384 8.41 7.12 -8.44
N LYS A 385 9.37 6.52 -7.75
CA LYS A 385 9.88 5.22 -8.15
C LYS A 385 8.98 4.09 -7.68
N LEU A 386 8.86 3.06 -8.51
CA LEU A 386 8.14 1.85 -8.14
C LEU A 386 9.11 0.67 -8.35
N ASP A 387 8.76 -0.50 -7.78
CA ASP A 387 9.66 -1.64 -8.05
C ASP A 387 9.43 -2.06 -9.51
N PRO A 388 10.21 -3.00 -10.01
CA PRO A 388 10.10 -3.43 -11.40
C PRO A 388 8.78 -4.06 -11.79
N THR A 389 7.97 -4.58 -10.86
CA THR A 389 6.67 -5.14 -11.17
C THR A 389 5.53 -4.15 -10.97
N TYR A 390 5.90 -2.92 -10.58
CA TYR A 390 4.90 -1.88 -10.36
C TYR A 390 3.86 -2.32 -9.31
N SER A 391 4.37 -2.95 -8.25
CA SER A 391 3.53 -3.42 -7.17
C SER A 391 3.55 -2.50 -5.95
N THR A 392 4.63 -1.76 -5.80
CA THR A 392 4.77 -0.84 -4.67
C THR A 392 5.62 0.35 -5.10
N THR A 393 5.43 1.47 -4.40
CA THR A 393 6.30 2.61 -4.57
C THR A 393 7.56 2.31 -3.74
N TYR A 394 8.64 2.92 -4.11
CA TYR A 394 9.90 2.95 -3.40
C TYR A 394 10.13 4.39 -2.95
N ASP A 395 10.44 4.60 -1.68
CA ASP A 395 10.80 5.94 -1.21
C ASP A 395 9.69 6.96 -1.43
N ASP A 396 10.03 8.22 -1.68
CA ASP A 396 9.08 9.30 -1.64
C ASP A 396 8.84 9.96 -3.01
N ALA A 397 7.99 10.98 -3.03
CA ALA A 397 7.79 11.71 -4.30
C ALA A 397 8.86 12.79 -4.38
N VAL A 398 9.76 12.69 -5.35
CA VAL A 398 10.89 13.63 -5.47
C VAL A 398 10.55 14.80 -6.38
N PRO A 399 10.55 16.02 -5.88
CA PRO A 399 10.23 17.18 -6.69
C PRO A 399 11.33 17.54 -7.67
N MET A 400 10.92 18.03 -8.85
CA MET A 400 11.82 18.45 -9.89
C MET A 400 11.28 19.70 -10.61
N PHE A 401 12.18 20.42 -11.27
CA PHE A 401 11.81 21.56 -12.10
C PHE A 401 11.02 22.64 -11.40
N LYS A 402 11.38 22.96 -10.16
CA LYS A 402 10.66 23.99 -9.42
C LYS A 402 10.66 25.32 -10.18
N SER A 403 9.46 25.86 -10.34
CA SER A 403 9.32 27.17 -10.99
C SER A 403 7.96 27.75 -10.65
N ASN A 404 7.76 29.04 -10.98
CA ASN A 404 6.47 29.66 -10.73
C ASN A 404 5.55 29.36 -11.92
N ASN A 405 5.23 28.08 -12.07
CA ASN A 405 4.36 27.61 -13.14
C ASN A 405 3.42 26.53 -12.60
N ARG A 406 2.26 26.39 -13.22
CA ARG A 406 1.32 25.35 -12.85
C ARG A 406 1.48 24.24 -13.88
N TYR A 407 2.16 23.14 -13.51
CA TYR A 407 2.40 22.08 -14.48
C TYR A 407 1.17 21.21 -14.66
N ARG A 408 0.73 21.06 -15.90
CA ARG A 408 -0.52 20.43 -16.26
C ARG A 408 -0.41 19.01 -16.82
N ASP A 409 0.68 18.72 -17.50
CA ASP A 409 0.87 17.38 -18.08
C ASP A 409 2.34 17.19 -18.43
N VAL A 410 2.74 15.92 -18.61
CA VAL A 410 4.12 15.62 -18.91
C VAL A 410 4.25 14.31 -19.67
N ILE A 411 5.16 14.30 -20.63
CA ILE A 411 5.51 13.08 -21.37
C ILE A 411 7.03 13.11 -21.57
N ALA A 412 7.59 12.04 -22.13
CA ALA A 412 9.01 12.01 -22.46
C ALA A 412 9.18 11.59 -23.92
N SER A 413 10.33 11.94 -24.49
CA SER A 413 10.64 11.49 -25.84
C SER A 413 10.93 9.99 -25.78
N PRO A 414 10.88 9.34 -26.93
CA PRO A 414 11.17 7.92 -27.04
C PRO A 414 12.53 7.53 -26.52
N ASP A 415 13.56 8.37 -26.71
CA ASP A 415 14.88 8.04 -26.20
C ASP A 415 14.95 8.22 -24.68
N GLY A 416 14.02 8.98 -24.13
CA GLY A 416 13.91 9.17 -22.70
C GLY A 416 14.73 10.28 -22.09
N ASN A 417 15.51 11.02 -22.86
CA ASN A 417 16.35 12.08 -22.32
C ASN A 417 15.74 13.48 -22.38
N VAL A 418 14.55 13.60 -22.95
CA VAL A 418 13.84 14.87 -23.01
C VAL A 418 12.44 14.73 -22.44
N LEU A 419 12.04 15.68 -21.61
CA LEU A 419 10.69 15.71 -21.05
C LEU A 419 9.94 16.90 -21.68
N TYR A 420 8.67 16.69 -21.98
CA TYR A 420 7.83 17.75 -22.52
C TYR A 420 6.69 18.00 -21.54
N VAL A 421 6.51 19.27 -21.20
CA VAL A 421 5.51 19.65 -20.21
C VAL A 421 4.58 20.74 -20.71
N LEU A 422 3.35 20.73 -20.25
CA LEU A 422 2.39 21.79 -20.49
C LEU A 422 2.23 22.60 -19.20
N THR A 423 2.07 23.91 -19.34
CA THR A 423 1.81 24.78 -18.19
C THR A 423 0.49 25.52 -18.36
N ASP A 424 -0.19 25.83 -17.28
CA ASP A 424 -1.45 26.55 -17.35
C ASP A 424 -1.24 28.00 -17.82
N THR A 425 -2.33 28.53 -18.38
CA THR A 425 -2.36 29.91 -18.85
C THR A 425 -2.41 30.87 -17.66
N ALA A 426 -3.20 30.51 -16.66
CA ALA A 426 -3.34 31.38 -15.49
C ALA A 426 -3.65 30.58 -14.23
N GLY A 427 -3.50 31.22 -13.08
CA GLY A 427 -3.79 30.57 -11.81
C GLY A 427 -2.72 30.89 -10.76
N ASN A 428 -2.93 30.32 -9.58
CA ASN A 428 -2.03 30.52 -8.46
C ASN A 428 -0.98 29.41 -8.38
N VAL A 429 0.20 29.77 -7.90
CA VAL A 429 1.29 28.84 -7.69
C VAL A 429 2.13 29.31 -6.50
N GLN A 430 2.70 28.35 -5.77
CA GLN A 430 3.52 28.67 -4.62
C GLN A 430 4.93 29.04 -5.07
N LYS A 431 5.43 30.14 -4.50
CA LYS A 431 6.77 30.62 -4.83
C LYS A 431 7.83 29.92 -3.98
N ASP A 432 9.09 30.14 -4.30
CA ASP A 432 10.18 29.56 -3.55
C ASP A 432 10.04 29.82 -2.05
N ASP A 433 9.55 31.01 -1.70
CA ASP A 433 9.45 31.39 -0.29
C ASP A 433 8.18 30.93 0.40
N GLY A 434 7.35 30.14 -0.29
CA GLY A 434 6.13 29.63 0.31
C GLY A 434 4.91 30.50 0.07
N SER A 435 5.11 31.76 -0.34
CA SER A 435 3.97 32.63 -0.60
C SER A 435 3.36 32.32 -1.95
N VAL A 436 2.23 32.95 -2.25
CA VAL A 436 1.52 32.70 -3.49
C VAL A 436 1.71 33.81 -4.52
N THR A 437 1.70 33.43 -5.80
CA THR A 437 1.75 34.41 -6.87
C THR A 437 0.84 33.91 -8.00
N ASN A 438 0.25 34.85 -8.73
CA ASN A 438 -0.53 34.48 -9.93
C ASN A 438 0.24 34.96 -11.16
N THR A 439 1.49 35.39 -10.94
CA THR A 439 2.37 35.76 -12.04
C THR A 439 3.16 34.51 -12.44
N LEU A 440 2.69 33.86 -13.50
CA LEU A 440 3.34 32.63 -13.97
C LEU A 440 4.47 32.91 -14.92
N GLU A 441 5.60 32.23 -14.74
CA GLU A 441 6.78 32.45 -15.56
C GLU A 441 6.56 32.08 -17.03
N ASN A 442 5.89 30.95 -17.28
CA ASN A 442 5.65 30.52 -18.65
C ASN A 442 4.19 30.16 -18.84
N PRO A 443 3.32 31.16 -18.90
CA PRO A 443 1.90 30.94 -19.09
C PRO A 443 1.61 30.18 -20.37
N GLY A 444 0.66 29.24 -20.29
CA GLY A 444 0.21 28.49 -21.44
C GLY A 444 1.30 28.09 -22.42
N SER A 445 2.23 27.25 -21.97
CA SER A 445 3.35 26.87 -22.79
C SER A 445 3.59 25.37 -22.86
N LEU A 446 4.34 25.00 -23.88
CA LEU A 446 4.88 23.67 -24.11
C LEU A 446 6.40 23.81 -23.94
N ILE A 447 6.92 23.25 -22.86
CA ILE A 447 8.31 23.41 -22.50
C ILE A 447 9.04 22.07 -22.56
N LYS A 448 10.30 22.09 -22.95
CA LYS A 448 11.07 20.84 -22.97
C LYS A 448 12.26 20.97 -22.03
N PHE A 449 12.54 19.85 -21.37
CA PHE A 449 13.68 19.75 -20.46
C PHE A 449 14.58 18.63 -20.97
N THR A 450 15.83 18.98 -21.30
CA THR A 450 16.76 18.02 -21.88
C THR A 450 17.87 17.64 -20.89
N ASP B 1 -4.38 1.22 9.74
CA ASP B 1 -5.77 1.19 10.23
C ASP B 1 -5.88 1.74 11.66
N VAL B 2 -7.09 2.08 12.03
CA VAL B 2 -7.41 2.62 13.36
C VAL B 2 -7.71 1.46 14.31
N PRO B 3 -7.22 1.53 15.54
CA PRO B 3 -7.44 0.45 16.48
C PRO B 3 -8.89 0.15 16.77
N LEU B 4 -9.21 -1.14 16.96
CA LEU B 4 -10.52 -1.54 17.41
C LEU B 4 -10.57 -1.31 18.93
N THR B 5 -11.77 -1.08 19.44
CA THR B 5 -11.99 -0.90 20.87
C THR B 5 -12.15 -2.26 21.54
N PRO B 6 -12.01 -2.30 22.84
CA PRO B 6 -12.21 -3.52 23.61
C PRO B 6 -13.57 -4.13 23.36
N SER B 7 -14.61 -3.32 23.16
CA SER B 7 -15.95 -3.80 22.87
C SER B 7 -16.05 -4.44 21.50
N GLN B 8 -15.31 -3.92 20.53
CA GLN B 8 -15.32 -4.46 19.18
C GLN B 8 -14.62 -5.82 19.15
N PHE B 9 -13.55 -5.93 19.94
CA PHE B 9 -12.85 -7.22 20.03
C PHE B 9 -13.74 -8.24 20.76
N ALA B 10 -14.38 -7.81 21.83
CA ALA B 10 -15.22 -8.70 22.62
C ALA B 10 -16.36 -9.32 21.81
N LYS B 11 -16.90 -8.61 20.83
CA LYS B 11 -17.99 -9.10 20.01
C LYS B 11 -17.60 -10.17 19.00
N ALA B 12 -16.31 -10.24 18.65
CA ALA B 12 -15.86 -11.13 17.59
C ALA B 12 -15.75 -12.59 18.04
N LYS B 13 -16.88 -13.20 18.42
CA LYS B 13 -16.88 -14.56 18.93
C LYS B 13 -16.98 -15.70 17.94
N SER B 14 -17.30 -15.52 16.68
CA SER B 14 -17.36 -16.59 15.70
C SER B 14 -18.28 -17.75 16.03
N GLU B 15 -19.56 -17.45 16.17
CA GLU B 15 -20.61 -18.40 16.48
C GLU B 15 -20.90 -19.33 15.31
N ASN B 16 -20.25 -19.13 14.18
CA ASN B 16 -20.45 -19.94 12.99
C ASN B 16 -19.46 -21.11 12.92
N PHE B 17 -18.68 -21.32 13.98
CA PHE B 17 -17.77 -22.44 14.03
C PHE B 17 -17.98 -23.25 15.32
N ASP B 18 -17.75 -24.56 15.20
CA ASP B 18 -17.76 -25.42 16.38
C ASP B 18 -16.31 -25.55 16.87
N LYS B 19 -16.11 -25.43 18.18
CA LYS B 19 -14.77 -25.50 18.74
C LYS B 19 -14.53 -26.84 19.43
N LYS B 20 -13.38 -27.45 19.12
CA LYS B 20 -12.99 -28.69 19.80
C LYS B 20 -11.51 -28.62 20.16
N VAL B 21 -11.21 -28.75 21.45
CA VAL B 21 -9.83 -28.73 21.91
C VAL B 21 -9.25 -30.12 21.81
N ILE B 22 -8.26 -30.30 20.95
CA ILE B 22 -7.66 -31.62 20.71
C ILE B 22 -6.61 -31.95 21.75
N LEU B 23 -5.78 -30.98 22.11
CA LEU B 23 -4.71 -31.17 23.08
C LEU B 23 -4.50 -29.89 23.88
N SER B 24 -4.02 -30.01 25.12
CA SER B 24 -3.69 -28.83 25.91
C SER B 24 -2.41 -29.11 26.70
N ASN B 25 -1.84 -28.07 27.29
CA ASN B 25 -0.61 -28.15 28.05
C ASN B 25 0.56 -28.66 27.24
N LEU B 26 0.60 -28.36 25.93
CA LEU B 26 1.80 -28.58 25.13
C LEU B 26 2.84 -27.57 25.62
N ASN B 27 4.12 -27.84 25.39
CA ASN B 27 5.20 -27.00 25.88
C ASN B 27 5.66 -26.01 24.82
N LYS B 28 5.00 -24.86 24.83
CA LYS B 28 5.29 -23.79 23.88
C LYS B 28 5.15 -24.22 22.43
N PRO B 29 3.95 -24.69 22.10
CA PRO B 29 3.67 -25.11 20.72
C PRO B 29 3.85 -23.88 19.83
N HIS B 30 4.49 -24.07 18.68
CA HIS B 30 4.86 -22.88 17.91
C HIS B 30 4.41 -22.87 16.46
N ALA B 31 4.74 -23.90 15.70
CA ALA B 31 4.33 -23.92 14.29
C ALA B 31 3.55 -25.20 14.00
N LEU B 32 2.58 -25.15 13.09
CA LEU B 32 1.89 -26.38 12.71
C LEU B 32 1.70 -26.39 11.19
N LEU B 33 1.67 -27.60 10.65
CA LEU B 33 1.58 -27.82 9.22
C LEU B 33 0.66 -28.99 8.92
N TRP B 34 -0.02 -28.91 7.78
CA TRP B 34 -0.81 -30.05 7.30
C TRP B 34 0.21 -31.00 6.66
N GLY B 35 0.37 -32.16 7.27
CA GLY B 35 1.37 -33.13 6.86
C GLY B 35 1.11 -33.83 5.54
N PRO B 36 2.18 -34.33 4.94
CA PRO B 36 2.13 -35.05 3.69
C PRO B 36 1.31 -36.32 3.85
N ASP B 37 1.12 -36.72 5.10
CA ASP B 37 0.37 -37.91 5.46
C ASP B 37 -1.04 -37.58 5.94
N ASN B 38 -1.45 -36.32 5.77
CA ASN B 38 -2.75 -35.85 6.17
C ASN B 38 -2.98 -35.86 7.68
N GLN B 39 -1.88 -35.74 8.42
CA GLN B 39 -1.93 -35.62 9.87
C GLN B 39 -1.46 -34.21 10.23
N ILE B 40 -1.70 -33.77 11.45
CA ILE B 40 -1.23 -32.44 11.85
C ILE B 40 0.18 -32.60 12.43
N TRP B 41 1.14 -31.84 11.94
CA TRP B 41 2.49 -31.87 12.52
C TRP B 41 2.74 -30.52 13.21
N LEU B 42 3.28 -30.55 14.42
CA LEU B 42 3.49 -29.29 15.14
C LEU B 42 4.77 -29.36 15.94
N THR B 43 5.34 -28.20 16.23
CA THR B 43 6.58 -28.12 16.97
C THR B 43 6.35 -27.57 18.38
N GLU B 44 7.25 -27.99 19.27
CA GLU B 44 7.35 -27.41 20.60
C GLU B 44 8.65 -26.62 20.65
N ARG B 45 8.53 -25.29 20.74
CA ARG B 45 9.70 -24.43 20.69
C ARG B 45 10.68 -24.70 21.84
N ALA B 46 10.14 -24.96 23.03
CA ALA B 46 10.98 -25.14 24.20
C ALA B 46 11.77 -26.45 24.20
N THR B 47 11.14 -27.52 23.74
CA THR B 47 11.72 -28.85 23.83
C THR B 47 12.39 -29.33 22.56
N GLY B 48 12.09 -28.73 21.41
CA GLY B 48 12.62 -29.20 20.15
C GLY B 48 11.84 -30.42 19.64
N LYS B 49 10.69 -30.72 20.24
CA LYS B 49 9.90 -31.85 19.80
C LYS B 49 9.08 -31.54 18.55
N ILE B 50 9.02 -32.52 17.67
CA ILE B 50 8.18 -32.46 16.48
C ILE B 50 7.10 -33.52 16.68
N LEU B 51 5.87 -33.09 16.89
CA LEU B 51 4.75 -33.96 17.19
C LEU B 51 3.87 -34.18 15.97
N ARG B 52 3.26 -35.36 15.89
CA ARG B 52 2.28 -35.64 14.85
C ARG B 52 0.98 -36.04 15.55
N VAL B 53 -0.10 -35.36 15.18
CA VAL B 53 -1.39 -35.56 15.82
C VAL B 53 -2.45 -36.02 14.82
N ASN B 54 -3.24 -37.01 15.25
CA ASN B 54 -4.33 -37.50 14.41
C ASN B 54 -5.59 -36.65 14.64
N PRO B 55 -6.19 -36.17 13.56
CA PRO B 55 -7.37 -35.36 13.62
C PRO B 55 -8.63 -35.95 14.23
N GLU B 56 -9.02 -37.20 13.99
CA GLU B 56 -10.23 -37.73 14.60
C GLU B 56 -10.04 -38.05 16.08
N SER B 57 -8.90 -38.70 16.35
CA SER B 57 -8.60 -39.20 17.67
C SER B 57 -7.78 -38.28 18.56
N GLY B 58 -6.97 -37.39 17.99
CA GLY B 58 -6.14 -36.51 18.83
C GLY B 58 -4.92 -37.31 19.31
N SER B 59 -4.79 -38.54 18.82
CA SER B 59 -3.65 -39.37 19.19
C SER B 59 -2.37 -38.62 18.80
N VAL B 60 -1.39 -38.62 19.69
CA VAL B 60 -0.17 -37.87 19.47
C VAL B 60 1.08 -38.76 19.54
N LYS B 61 2.03 -38.46 18.67
CA LYS B 61 3.31 -39.14 18.72
C LYS B 61 4.44 -38.12 18.61
N THR B 62 5.47 -38.28 19.42
CA THR B 62 6.66 -37.45 19.29
C THR B 62 7.52 -38.10 18.21
N VAL B 63 7.43 -37.60 16.97
CA VAL B 63 8.15 -38.18 15.86
C VAL B 63 9.66 -38.04 16.01
N PHE B 64 10.10 -36.91 16.53
CA PHE B 64 11.52 -36.63 16.69
C PHE B 64 11.72 -35.49 17.68
N GLN B 65 12.86 -35.48 18.35
CA GLN B 65 13.21 -34.35 19.21
C GLN B 65 14.57 -33.84 18.77
N VAL B 66 14.60 -32.63 18.21
CA VAL B 66 15.85 -32.05 17.74
C VAL B 66 16.79 -31.90 18.93
N PRO B 67 17.92 -32.60 18.91
CA PRO B 67 18.82 -32.57 20.05
C PRO B 67 19.49 -31.22 20.27
N GLU B 68 19.78 -30.92 21.54
CA GLU B 68 20.55 -29.74 21.91
C GLU B 68 19.92 -28.40 21.56
N ILE B 69 18.62 -28.37 21.38
CA ILE B 69 17.95 -27.07 21.20
C ILE B 69 18.15 -26.27 22.50
N VAL B 70 18.49 -25.00 22.37
CA VAL B 70 18.65 -24.14 23.54
C VAL B 70 17.43 -23.23 23.66
N ASN B 71 16.83 -23.17 24.84
CA ASN B 71 15.65 -22.35 25.08
C ASN B 71 15.72 -21.70 26.46
N ASP B 72 15.40 -20.42 26.54
CA ASP B 72 15.33 -19.73 27.83
C ASP B 72 13.87 -19.54 28.19
N ALA B 73 13.49 -19.81 29.44
CA ALA B 73 12.08 -19.72 29.83
C ALA B 73 11.49 -18.35 29.56
N ASP B 74 12.32 -17.32 29.67
CA ASP B 74 11.92 -15.94 29.45
C ASP B 74 12.26 -15.46 28.05
N GLY B 75 12.56 -16.39 27.14
CA GLY B 75 12.98 -16.00 25.80
C GLY B 75 12.08 -16.52 24.70
N GLN B 76 12.36 -16.06 23.48
CA GLN B 76 11.63 -16.43 22.29
C GLN B 76 12.46 -17.36 21.42
N ASN B 77 13.53 -17.91 21.99
CA ASN B 77 14.43 -18.81 21.29
C ASN B 77 14.00 -20.28 21.41
N GLY B 78 14.69 -21.14 20.66
CA GLY B 78 14.35 -22.57 20.73
C GLY B 78 14.22 -23.15 19.32
N LEU B 79 13.29 -24.08 19.13
CA LEU B 79 13.03 -24.65 17.81
C LEU B 79 12.06 -23.68 17.10
N LEU B 80 12.46 -23.22 15.93
CA LEU B 80 11.65 -22.19 15.25
C LEU B 80 11.15 -22.60 13.87
N GLY B 81 11.99 -22.48 12.85
CA GLY B 81 11.58 -22.80 11.49
C GLY B 81 11.13 -24.24 11.34
N PHE B 82 10.14 -24.48 10.49
CA PHE B 82 9.59 -25.81 10.25
C PHE B 82 8.85 -25.83 8.91
N ALA B 83 9.36 -26.64 7.98
CA ALA B 83 8.71 -26.80 6.69
C ALA B 83 8.99 -28.18 6.10
N PHE B 84 8.07 -28.64 5.27
CA PHE B 84 8.28 -29.84 4.48
C PHE B 84 8.74 -29.47 3.07
N HIS B 85 9.48 -30.36 2.42
CA HIS B 85 9.78 -30.14 1.00
C HIS B 85 8.47 -30.21 0.23
N PRO B 86 8.25 -29.30 -0.72
CA PRO B 86 7.01 -29.23 -1.46
C PRO B 86 6.61 -30.49 -2.20
N ASP B 87 7.62 -31.23 -2.66
CA ASP B 87 7.39 -32.49 -3.37
C ASP B 87 7.90 -33.62 -2.46
N PHE B 88 7.30 -33.69 -1.29
CA PHE B 88 7.71 -34.61 -0.23
C PHE B 88 7.75 -36.06 -0.71
N LYS B 89 6.78 -36.44 -1.53
CA LYS B 89 6.72 -37.81 -2.03
C LYS B 89 8.04 -38.26 -2.63
N ASN B 90 8.76 -37.37 -3.29
CA ASN B 90 10.03 -37.70 -3.93
C ASN B 90 11.24 -37.10 -3.21
N ASN B 91 10.98 -36.20 -2.28
CA ASN B 91 12.02 -35.52 -1.51
C ASN B 91 11.52 -35.41 -0.08
N PRO B 92 11.68 -36.50 0.68
CA PRO B 92 11.16 -36.60 2.03
C PRO B 92 11.99 -35.83 3.03
N TYR B 93 12.07 -34.52 2.82
CA TYR B 93 12.87 -33.66 3.67
C TYR B 93 12.04 -32.70 4.50
N ILE B 94 12.54 -32.49 5.72
CA ILE B 94 11.98 -31.54 6.66
C ILE B 94 13.08 -30.52 6.98
N TYR B 95 12.72 -29.24 6.93
CA TYR B 95 13.66 -28.15 7.15
C TYR B 95 13.28 -27.42 8.43
N ILE B 96 14.26 -27.22 9.30
CA ILE B 96 13.99 -26.51 10.54
C ILE B 96 15.03 -25.42 10.76
N SER B 97 14.74 -24.56 11.73
CA SER B 97 15.77 -23.67 12.24
C SER B 97 15.69 -23.76 13.76
N GLY B 98 16.84 -23.54 14.41
CA GLY B 98 16.78 -23.59 15.87
C GLY B 98 17.98 -22.89 16.49
N THR B 99 17.81 -22.64 17.79
CA THR B 99 18.82 -22.03 18.64
C THR B 99 19.74 -23.15 19.17
N PHE B 100 21.02 -23.00 18.92
CA PHE B 100 22.02 -23.95 19.40
C PHE B 100 23.19 -23.17 19.98
N LYS B 101 23.97 -23.80 20.86
CA LYS B 101 25.17 -23.12 21.37
C LYS B 101 26.13 -22.83 20.23
N ASN B 102 26.84 -21.71 20.32
CA ASN B 102 27.85 -21.33 19.34
C ASN B 102 29.21 -21.46 20.02
N PRO B 103 29.89 -22.55 19.76
CA PRO B 103 31.21 -22.78 20.34
C PRO B 103 32.18 -21.65 20.04
N LYS B 104 31.97 -20.96 18.94
CA LYS B 104 32.82 -19.87 18.51
C LYS B 104 32.45 -18.51 19.10
N SER B 105 31.37 -18.43 19.87
CA SER B 105 30.95 -17.14 20.40
C SER B 105 32.03 -16.49 21.26
N THR B 106 32.23 -15.20 21.01
CA THR B 106 33.20 -14.41 21.75
C THR B 106 32.51 -13.59 22.84
N ASP B 107 31.21 -13.81 23.00
CA ASP B 107 30.41 -13.01 23.95
C ASP B 107 29.48 -13.84 24.80
N LYS B 108 29.53 -13.63 26.11
CA LYS B 108 28.71 -14.34 27.07
C LYS B 108 27.23 -13.96 27.01
N GLU B 109 26.94 -12.70 26.68
CA GLU B 109 25.55 -12.25 26.65
C GLU B 109 24.80 -12.85 25.46
N LEU B 110 25.53 -13.24 24.43
CA LEU B 110 24.96 -13.84 23.22
C LEU B 110 25.73 -15.10 22.85
N PRO B 111 25.52 -16.16 23.62
CA PRO B 111 26.26 -17.40 23.47
C PRO B 111 25.81 -18.34 22.37
N ASN B 112 24.66 -18.09 21.76
CA ASN B 112 24.09 -19.04 20.81
C ASN B 112 24.18 -18.56 19.37
N GLN B 113 23.80 -19.47 18.48
CA GLN B 113 23.66 -19.21 17.06
C GLN B 113 22.33 -19.81 16.61
N THR B 114 21.87 -19.40 15.43
CA THR B 114 20.72 -20.04 14.82
C THR B 114 21.25 -20.87 13.65
N ILE B 115 20.71 -22.07 13.48
CA ILE B 115 21.12 -22.93 12.39
C ILE B 115 19.87 -23.36 11.61
N ILE B 116 19.97 -23.28 10.28
CA ILE B 116 18.94 -23.81 9.39
C ILE B 116 19.45 -25.20 8.99
N ARG B 117 18.66 -26.23 9.27
CA ARG B 117 19.09 -27.60 9.05
C ARG B 117 18.05 -28.45 8.35
N ARG B 118 18.51 -29.43 7.58
CA ARG B 118 17.59 -30.35 6.91
C ARG B 118 17.65 -31.73 7.58
N TYR B 119 16.50 -32.37 7.64
CA TYR B 119 16.42 -33.75 8.09
C TYR B 119 15.75 -34.57 6.99
N THR B 120 16.04 -35.88 6.99
CA THR B 120 15.36 -36.77 6.07
C THR B 120 14.36 -37.62 6.83
N TYR B 121 13.11 -37.66 6.38
CA TYR B 121 12.09 -38.45 7.03
C TYR B 121 12.16 -39.89 6.51
N ASN B 122 12.21 -40.83 7.45
CA ASN B 122 12.24 -42.26 7.11
C ASN B 122 10.88 -42.85 7.44
N LYS B 123 10.07 -43.12 6.41
CA LYS B 123 8.73 -43.65 6.61
C LYS B 123 8.74 -45.06 7.22
N SER B 124 9.82 -45.77 6.97
CA SER B 124 9.97 -47.14 7.47
C SER B 124 10.06 -47.18 8.99
N THR B 125 10.92 -46.33 9.54
CA THR B 125 11.13 -46.28 10.99
C THR B 125 10.37 -45.14 11.65
N ASP B 126 9.65 -44.37 10.86
CA ASP B 126 8.88 -43.21 11.33
C ASP B 126 9.70 -42.28 12.21
N THR B 127 10.80 -41.78 11.65
CA THR B 127 11.65 -40.83 12.38
C THR B 127 12.42 -39.93 11.43
N LEU B 128 13.17 -38.99 11.99
CA LEU B 128 13.99 -38.08 11.21
C LEU B 128 15.46 -38.46 11.35
N GLU B 129 16.21 -38.35 10.26
CA GLU B 129 17.63 -38.70 10.32
C GLU B 129 18.47 -37.97 9.28
N LYS B 130 19.76 -38.28 9.27
CA LYS B 130 20.72 -37.69 8.36
C LYS B 130 20.66 -36.17 8.35
N PRO B 131 20.84 -35.56 9.50
CA PRO B 131 20.85 -34.10 9.61
C PRO B 131 21.94 -33.49 8.75
N VAL B 132 21.64 -32.36 8.12
CA VAL B 132 22.60 -31.62 7.34
C VAL B 132 22.43 -30.12 7.63
N ASP B 133 23.47 -29.46 8.14
CA ASP B 133 23.35 -28.02 8.38
C ASP B 133 23.38 -27.29 7.04
N LEU B 134 22.42 -26.39 6.83
CA LEU B 134 22.38 -25.65 5.56
C LEU B 134 23.04 -24.29 5.73
N LEU B 135 22.71 -23.64 6.83
CA LEU B 135 23.28 -22.32 7.12
C LEU B 135 23.42 -22.17 8.63
N ALA B 136 24.65 -22.04 9.10
CA ALA B 136 24.93 -21.91 10.53
C ALA B 136 25.57 -20.57 10.84
N GLY B 137 25.77 -20.29 12.13
CA GLY B 137 26.42 -19.05 12.53
C GLY B 137 25.50 -17.84 12.38
N LEU B 138 24.20 -18.06 12.33
CA LEU B 138 23.27 -16.92 12.25
C LEU B 138 23.11 -16.32 13.64
N PRO B 139 22.76 -15.05 13.73
CA PRO B 139 22.50 -14.41 15.00
C PRO B 139 21.43 -15.14 15.82
N SER B 140 21.57 -15.05 17.13
CA SER B 140 20.64 -15.61 18.08
C SER B 140 20.57 -14.76 19.34
N SER B 141 19.36 -14.63 19.89
CA SER B 141 19.15 -13.91 21.14
C SER B 141 17.83 -14.35 21.75
N LYS B 142 17.42 -13.79 22.89
CA LYS B 142 16.17 -14.18 23.51
C LYS B 142 14.95 -13.47 22.93
N ASP B 143 15.19 -12.46 22.08
CA ASP B 143 14.07 -11.67 21.57
C ASP B 143 14.05 -11.54 20.05
N HIS B 144 12.84 -11.36 19.51
CA HIS B 144 12.68 -11.09 18.09
C HIS B 144 13.57 -11.97 17.21
N GLN B 145 13.31 -13.28 17.34
CA GLN B 145 13.98 -14.29 16.55
C GLN B 145 13.26 -14.54 15.23
N SER B 146 11.95 -14.35 15.25
CA SER B 146 11.10 -14.56 14.07
C SER B 146 11.15 -16.03 13.69
N GLY B 147 11.92 -16.41 12.67
CA GLY B 147 12.14 -17.79 12.34
C GLY B 147 11.12 -18.54 11.52
N ARG B 148 10.31 -17.86 10.71
CA ARG B 148 9.41 -18.56 9.79
C ARG B 148 10.23 -19.02 8.58
N LEU B 149 10.05 -20.29 8.22
CA LEU B 149 10.81 -20.91 7.14
C LEU B 149 9.85 -21.53 6.14
N VAL B 150 9.90 -21.04 4.90
CA VAL B 150 9.00 -21.57 3.86
C VAL B 150 9.80 -21.83 2.58
N ILE B 151 9.26 -22.72 1.75
CA ILE B 151 9.90 -23.01 0.46
C ILE B 151 9.01 -22.43 -0.64
N GLY B 152 9.62 -21.55 -1.44
CA GLY B 152 8.89 -20.84 -2.48
C GLY B 152 8.69 -21.66 -3.73
N PRO B 153 7.86 -21.15 -4.63
CA PRO B 153 7.59 -21.79 -5.91
C PRO B 153 8.85 -21.94 -6.74
N ASP B 154 9.86 -21.14 -6.43
CA ASP B 154 11.15 -21.16 -7.07
C ASP B 154 12.09 -22.18 -6.43
N GLN B 155 11.57 -22.95 -5.48
CA GLN B 155 12.33 -23.98 -4.80
C GLN B 155 13.46 -23.43 -3.95
N LYS B 156 13.31 -22.19 -3.46
CA LYS B 156 14.29 -21.63 -2.54
C LYS B 156 13.69 -21.58 -1.13
N ILE B 157 14.57 -21.54 -0.14
CA ILE B 157 14.13 -21.36 1.24
C ILE B 157 14.01 -19.87 1.53
N TYR B 158 12.88 -19.45 2.07
CA TYR B 158 12.70 -18.08 2.51
C TYR B 158 12.63 -18.16 4.04
N TYR B 159 13.45 -17.32 4.69
CA TYR B 159 13.54 -17.38 6.14
C TYR B 159 13.50 -16.02 6.81
N THR B 160 12.62 -15.85 7.80
CA THR B 160 12.62 -14.55 8.51
C THR B 160 13.54 -14.63 9.72
N ILE B 161 14.40 -13.62 9.85
CA ILE B 161 15.31 -13.54 11.01
C ILE B 161 15.15 -12.14 11.61
N GLY B 162 14.64 -12.09 12.84
CA GLY B 162 14.34 -10.82 13.47
C GLY B 162 15.55 -10.00 13.88
N ASP B 163 15.22 -8.77 14.34
CA ASP B 163 16.25 -7.81 14.71
C ASP B 163 16.90 -8.11 16.06
N GLN B 164 16.55 -9.25 16.65
CA GLN B 164 17.19 -9.73 17.88
C GLN B 164 16.83 -8.94 19.12
N GLY B 165 15.90 -8.00 19.02
CA GLY B 165 15.47 -7.24 20.19
C GLY B 165 16.32 -5.99 20.42
N ARG B 166 17.27 -5.72 19.55
CA ARG B 166 18.12 -4.53 19.72
C ARG B 166 17.29 -3.25 19.74
N ASN B 167 17.71 -2.34 20.62
CA ASN B 167 17.05 -1.09 20.85
C ASN B 167 15.77 -1.19 21.68
N GLN B 168 15.61 -2.27 22.47
CA GLN B 168 14.52 -2.31 23.42
C GLN B 168 14.87 -3.29 24.57
N LEU B 169 14.28 -3.00 25.71
CA LEU B 169 14.38 -3.89 26.87
C LEU B 169 15.79 -4.32 27.19
N ALA B 170 16.04 -5.62 27.34
CA ALA B 170 17.34 -6.12 27.75
C ALA B 170 18.46 -5.84 26.77
N TYR B 171 18.10 -5.48 25.53
CA TYR B 171 19.12 -5.22 24.51
C TYR B 171 19.04 -3.77 24.05
N LEU B 172 18.53 -2.95 24.95
CA LEU B 172 18.30 -1.54 24.63
C LEU B 172 19.48 -0.83 24.00
N PHE B 173 20.69 -1.00 24.51
CA PHE B 173 21.83 -0.24 24.04
C PHE B 173 22.63 -0.86 22.91
N LEU B 174 22.16 -2.01 22.40
CA LEU B 174 22.86 -2.61 21.25
C LEU B 174 22.35 -1.95 19.96
N PRO B 175 23.24 -1.67 19.04
CA PRO B 175 22.89 -1.03 17.78
C PRO B 175 22.12 -1.94 16.84
N ASN B 176 20.91 -1.50 16.48
CA ASN B 176 20.05 -2.31 15.62
C ASN B 176 20.68 -2.49 14.25
N GLN B 177 20.66 -3.73 13.75
CA GLN B 177 21.27 -4.04 12.47
C GLN B 177 20.30 -4.28 11.32
N ALA B 178 19.02 -3.99 11.51
CA ALA B 178 18.05 -4.25 10.44
C ALA B 178 18.41 -3.54 9.14
N GLN B 179 18.99 -2.34 9.21
CA GLN B 179 19.36 -1.63 7.99
C GLN B 179 20.72 -2.02 7.46
N HIS B 180 21.49 -2.83 8.18
CA HIS B 180 22.86 -3.14 7.79
C HIS B 180 22.95 -4.38 6.90
N THR B 181 23.93 -4.38 6.02
CA THR B 181 24.15 -5.50 5.11
C THR B 181 25.64 -5.81 5.10
N PRO B 182 26.01 -7.03 4.76
CA PRO B 182 27.38 -7.47 4.86
C PRO B 182 28.31 -6.89 3.81
N THR B 183 29.56 -6.69 4.23
CA THR B 183 30.62 -6.33 3.28
C THR B 183 31.05 -7.66 2.64
N GLN B 184 31.76 -7.60 1.53
CA GLN B 184 32.17 -8.85 0.89
C GLN B 184 33.10 -9.65 1.80
N GLN B 185 33.86 -8.93 2.63
CA GLN B 185 34.80 -9.51 3.57
C GLN B 185 34.08 -10.30 4.66
N GLU B 186 33.02 -9.71 5.21
CA GLU B 186 32.24 -10.40 6.24
C GLU B 186 31.63 -11.66 5.63
N LEU B 187 31.12 -11.53 4.42
CA LEU B 187 30.49 -12.65 3.74
C LEU B 187 31.52 -13.75 3.52
N ASN B 188 32.72 -13.38 3.07
CA ASN B 188 33.77 -14.35 2.85
C ASN B 188 34.13 -15.10 4.13
N GLY B 189 34.04 -14.42 5.28
CA GLY B 189 34.35 -15.04 6.56
C GLY B 189 33.14 -15.69 7.21
N LYS B 190 32.01 -15.72 6.50
CA LYS B 190 30.77 -16.28 7.02
C LYS B 190 30.36 -15.59 8.31
N ASP B 191 30.61 -14.28 8.35
CA ASP B 191 30.22 -13.43 9.48
C ASP B 191 28.84 -12.89 9.14
N TYR B 192 27.82 -13.46 9.78
CA TYR B 192 26.44 -13.11 9.49
C TYR B 192 25.82 -12.19 10.53
N HIS B 193 26.62 -11.34 11.16
CA HIS B 193 26.07 -10.45 12.17
C HIS B 193 25.05 -9.48 11.59
N THR B 194 25.16 -9.14 10.31
CA THR B 194 24.16 -8.25 9.71
C THR B 194 22.88 -8.98 9.33
N TYR B 195 22.83 -10.30 9.50
CA TYR B 195 21.61 -11.05 9.22
C TYR B 195 20.66 -10.96 10.41
N MET B 196 20.20 -9.73 10.64
CA MET B 196 19.24 -9.39 11.68
C MET B 196 18.19 -8.48 11.02
N GLY B 197 16.93 -8.78 11.24
CA GLY B 197 15.86 -7.95 10.67
C GLY B 197 15.80 -8.10 9.16
N LYS B 198 15.84 -9.35 8.69
CA LYS B 198 15.87 -9.65 7.28
C LYS B 198 14.94 -10.79 6.89
N VAL B 199 14.64 -10.85 5.60
CA VAL B 199 14.06 -12.05 4.99
C VAL B 199 15.24 -12.61 4.17
N LEU B 200 15.69 -13.83 4.47
CA LEU B 200 16.76 -14.44 3.72
C LEU B 200 16.16 -15.34 2.63
N ARG B 201 16.90 -15.49 1.53
CA ARG B 201 16.48 -16.39 0.47
C ARG B 201 17.72 -17.26 0.18
N LEU B 202 17.57 -18.57 0.39
CA LEU B 202 18.73 -19.44 0.21
C LEU B 202 18.41 -20.61 -0.73
N ASN B 203 19.48 -21.11 -1.34
CA ASN B 203 19.33 -22.34 -2.14
C ASN B 203 19.04 -23.48 -1.18
N LEU B 204 18.52 -24.60 -1.68
CA LEU B 204 18.14 -25.69 -0.79
C LEU B 204 19.34 -26.31 -0.08
N ASP B 205 20.55 -26.03 -0.56
CA ASP B 205 21.75 -26.53 0.11
C ASP B 205 22.38 -25.49 1.01
N GLY B 206 21.73 -24.34 1.18
CA GLY B 206 22.22 -23.28 2.04
C GLY B 206 23.04 -22.22 1.34
N SER B 207 23.42 -22.43 0.09
CA SER B 207 24.25 -21.48 -0.63
C SER B 207 23.47 -20.23 -1.04
N ILE B 208 24.22 -19.22 -1.47
CA ILE B 208 23.67 -17.94 -1.90
C ILE B 208 23.16 -18.04 -3.33
N PRO B 209 21.88 -17.80 -3.54
CA PRO B 209 21.30 -17.75 -4.87
C PRO B 209 21.97 -16.65 -5.69
N LYS B 210 22.46 -16.99 -6.88
CA LYS B 210 23.16 -16.02 -7.70
C LYS B 210 22.26 -14.86 -8.12
N ASP B 211 20.95 -15.08 -8.08
CA ASP B 211 19.99 -14.04 -8.46
C ASP B 211 19.44 -13.30 -7.25
N ASN B 212 20.07 -13.42 -6.08
CA ASN B 212 19.63 -12.62 -4.94
C ASN B 212 19.95 -11.16 -5.23
N PRO B 213 19.23 -10.26 -4.58
CA PRO B 213 19.44 -8.83 -4.79
C PRO B 213 20.81 -8.40 -4.29
N SER B 214 21.35 -7.33 -4.87
CA SER B 214 22.63 -6.80 -4.46
C SER B 214 22.43 -5.63 -3.49
N PHE B 215 23.16 -5.63 -2.39
CA PHE B 215 23.11 -4.54 -1.42
C PHE B 215 24.53 -4.02 -1.24
N ASN B 216 24.76 -2.77 -1.64
CA ASN B 216 26.08 -2.17 -1.54
C ASN B 216 27.14 -2.97 -2.29
N GLY B 217 26.75 -3.46 -3.46
CA GLY B 217 27.61 -4.23 -4.32
C GLY B 217 27.86 -5.65 -3.85
N VAL B 218 27.09 -6.13 -2.87
CA VAL B 218 27.28 -7.49 -2.38
C VAL B 218 25.99 -8.29 -2.46
N VAL B 219 26.09 -9.49 -3.02
CA VAL B 219 24.96 -10.43 -3.08
C VAL B 219 25.16 -11.46 -1.97
N SER B 220 24.27 -11.43 -0.99
CA SER B 220 24.35 -12.35 0.14
C SER B 220 23.05 -13.15 0.23
N HIS B 221 22.78 -13.78 1.37
CA HIS B 221 21.53 -14.49 1.53
C HIS B 221 20.35 -13.54 1.75
N ILE B 222 20.65 -12.24 1.95
CA ILE B 222 19.56 -11.31 2.20
C ILE B 222 18.69 -11.10 0.96
N TYR B 223 17.38 -11.17 1.16
CA TYR B 223 16.40 -10.91 0.10
C TYR B 223 15.75 -9.54 0.37
N THR B 224 15.36 -9.30 1.61
CA THR B 224 14.85 -7.99 2.00
C THR B 224 15.43 -7.61 3.36
N LEU B 225 15.44 -6.32 3.66
CA LEU B 225 15.99 -5.83 4.94
C LEU B 225 15.02 -4.85 5.58
N GLY B 226 15.38 -4.36 6.78
CA GLY B 226 14.54 -3.40 7.48
C GLY B 226 13.32 -3.97 8.12
N HIS B 227 13.46 -5.12 8.81
CA HIS B 227 12.37 -5.76 9.53
C HIS B 227 12.63 -5.84 11.04
N ARG B 228 11.55 -5.87 11.81
CA ARG B 228 11.69 -5.96 13.27
C ARG B 228 11.46 -7.41 13.73
N ASN B 229 10.21 -7.85 13.82
CA ASN B 229 9.96 -9.25 14.20
C ASN B 229 8.86 -9.86 13.32
N PRO B 230 9.27 -10.23 12.11
CA PRO B 230 8.33 -10.83 11.15
C PRO B 230 8.09 -12.32 11.38
N GLN B 231 7.06 -12.61 12.16
CA GLN B 231 6.75 -14.01 12.47
C GLN B 231 5.84 -14.65 11.45
N GLY B 232 5.32 -13.88 10.48
CA GLY B 232 4.43 -14.49 9.48
C GLY B 232 5.01 -14.38 8.08
N LEU B 233 4.95 -15.47 7.31
CA LEU B 233 5.48 -15.48 5.95
C LEU B 233 4.74 -16.54 5.16
N ALA B 234 4.10 -16.16 4.06
CA ALA B 234 3.30 -17.12 3.31
C ALA B 234 3.17 -16.71 1.84
N PHE B 235 3.35 -17.68 0.96
CA PHE B 235 3.16 -17.47 -0.47
C PHE B 235 1.70 -17.58 -0.85
N THR B 236 1.30 -16.77 -1.85
CA THR B 236 -0.05 -16.82 -2.40
C THR B 236 -0.09 -17.76 -3.59
N PRO B 237 -1.29 -18.13 -4.03
CA PRO B 237 -1.41 -19.03 -5.17
C PRO B 237 -0.80 -18.47 -6.44
N ASN B 238 -0.63 -17.14 -6.54
CA ASN B 238 -0.01 -16.58 -7.75
C ASN B 238 1.45 -16.18 -7.53
N GLY B 239 2.10 -16.74 -6.51
CA GLY B 239 3.52 -16.60 -6.28
C GLY B 239 4.00 -15.36 -5.55
N LYS B 240 3.06 -14.56 -5.04
CA LYS B 240 3.47 -13.38 -4.28
C LYS B 240 3.77 -13.81 -2.85
N LEU B 241 4.49 -12.97 -2.13
CA LEU B 241 4.91 -13.31 -0.77
C LEU B 241 4.37 -12.33 0.25
N LEU B 242 3.45 -12.81 1.08
CA LEU B 242 2.86 -11.97 2.11
C LEU B 242 3.53 -12.26 3.46
N GLN B 243 3.47 -11.26 4.31
CA GLN B 243 4.20 -11.31 5.57
C GLN B 243 3.47 -10.54 6.64
N SER B 244 3.58 -10.99 7.89
CA SER B 244 3.10 -10.21 9.02
C SER B 244 4.33 -9.94 9.90
N GLU B 245 4.28 -8.78 10.55
CA GLU B 245 5.44 -8.35 11.34
C GLU B 245 5.02 -7.54 12.56
N GLN B 246 5.66 -7.83 13.69
CA GLN B 246 5.40 -7.11 14.91
C GLN B 246 6.18 -5.80 14.96
N GLY B 247 5.42 -4.74 15.25
CA GLY B 247 5.97 -3.42 15.47
C GLY B 247 6.13 -3.18 16.98
N PRO B 248 6.60 -2.00 17.35
CA PRO B 248 6.87 -1.63 18.73
C PRO B 248 5.60 -1.35 19.51
N ASN B 249 5.29 -0.09 19.84
CA ASN B 249 4.05 0.17 20.55
C ASN B 249 2.88 0.41 19.57
N SER B 250 3.22 0.36 18.29
CA SER B 250 2.26 0.64 17.23
C SER B 250 2.74 -0.06 15.96
N ASP B 251 1.92 0.03 14.91
CA ASP B 251 2.38 -0.31 13.57
C ASP B 251 2.88 -1.73 13.35
N ASP B 252 2.09 -2.67 13.87
CA ASP B 252 2.30 -4.06 13.41
C ASP B 252 1.98 -3.97 11.91
N GLU B 253 2.53 -4.86 11.09
CA GLU B 253 2.35 -4.71 9.65
C GLU B 253 1.94 -5.97 8.94
N ILE B 254 1.26 -5.76 7.82
CA ILE B 254 1.07 -6.77 6.79
C ILE B 254 1.87 -6.26 5.60
N ASN B 255 2.89 -6.98 5.17
CA ASN B 255 3.73 -6.54 4.08
C ASN B 255 3.67 -7.47 2.87
N LEU B 256 3.95 -6.86 1.72
CA LEU B 256 4.14 -7.56 0.46
C LEU B 256 5.64 -7.59 0.23
N ILE B 257 6.25 -8.77 0.22
CA ILE B 257 7.70 -8.89 0.12
C ILE B 257 8.14 -8.87 -1.33
N VAL B 258 8.93 -7.86 -1.68
CA VAL B 258 9.47 -7.73 -3.04
C VAL B 258 10.98 -7.72 -3.00
N LYS B 259 11.60 -8.40 -3.97
CA LYS B 259 13.04 -8.56 -4.04
C LYS B 259 13.79 -7.26 -3.84
N GLY B 260 14.69 -7.22 -2.86
CA GLY B 260 15.55 -6.06 -2.64
C GLY B 260 14.86 -4.94 -1.88
N GLY B 261 13.62 -5.12 -1.47
CA GLY B 261 12.92 -4.07 -0.74
C GLY B 261 13.51 -3.81 0.63
N ASN B 262 13.36 -2.57 1.09
CA ASN B 262 13.77 -2.14 2.43
C ASN B 262 12.51 -1.78 3.20
N TYR B 263 12.21 -2.51 4.27
CA TYR B 263 10.96 -2.36 4.99
C TYR B 263 11.03 -1.33 6.11
N GLY B 264 12.12 -0.57 6.15
CA GLY B 264 12.21 0.59 7.01
C GLY B 264 12.64 0.52 8.45
N TRP B 265 12.45 -0.61 9.13
CA TRP B 265 12.83 -0.65 10.56
C TRP B 265 14.31 -0.55 10.73
N PRO B 266 14.80 0.17 11.75
CA PRO B 266 14.01 0.81 12.77
C PRO B 266 13.73 2.29 12.55
N ASN B 267 14.16 2.78 11.41
CA ASN B 267 13.95 4.21 11.09
C ASN B 267 12.49 4.57 10.85
N VAL B 268 11.71 3.61 10.37
CA VAL B 268 10.31 3.82 10.06
C VAL B 268 9.47 2.65 10.57
N ALA B 269 8.45 2.94 11.33
CA ALA B 269 7.47 1.98 11.82
C ALA B 269 6.18 2.20 11.03
N GLY B 270 5.77 1.21 10.24
CA GLY B 270 4.55 1.35 9.46
C GLY B 270 4.82 2.29 8.27
N TYR B 271 3.86 3.20 8.06
CA TYR B 271 4.06 4.16 6.97
C TYR B 271 5.10 5.20 7.37
N LYS B 272 5.69 5.87 6.39
CA LYS B 272 6.64 6.94 6.66
C LYS B 272 5.79 8.21 6.85
N ASP B 273 5.24 8.34 8.05
CA ASP B 273 4.22 9.33 8.34
C ASP B 273 4.52 10.23 9.53
N ASP B 274 5.64 10.03 10.22
CA ASP B 274 5.92 10.78 11.43
C ASP B 274 4.75 10.79 12.40
N SER B 275 4.00 9.69 12.49
CA SER B 275 2.80 9.66 13.31
C SER B 275 2.83 8.53 14.33
N GLY B 276 3.00 8.89 15.60
CA GLY B 276 2.94 7.92 16.68
C GLY B 276 4.25 7.19 16.93
N TYR B 277 5.29 7.41 16.15
CA TYR B 277 6.59 6.78 16.32
C TYR B 277 7.70 7.69 15.83
N ALA B 278 8.86 7.62 16.46
CA ALA B 278 10.10 8.20 16.01
C ALA B 278 11.25 7.26 16.43
N TYR B 279 12.34 7.30 15.71
CA TYR B 279 13.46 6.41 16.00
C TYR B 279 14.41 7.01 17.03
N ALA B 280 14.34 6.48 18.24
CA ALA B 280 15.24 6.89 19.33
C ALA B 280 16.34 5.84 19.41
N ASN B 281 17.56 6.20 19.04
CA ASN B 281 18.66 5.24 18.96
C ASN B 281 19.44 5.18 20.27
N TYR B 282 19.08 4.21 21.12
CA TYR B 282 19.76 4.13 22.43
C TYR B 282 21.22 3.77 22.32
N SER B 283 21.67 3.05 21.30
CA SER B 283 23.08 2.73 21.16
C SER B 283 23.91 3.99 20.98
N ALA B 284 23.27 5.07 20.54
CA ALA B 284 23.95 6.35 20.35
C ALA B 284 23.66 7.33 21.48
N ALA B 285 23.08 6.84 22.57
CA ALA B 285 22.75 7.69 23.72
C ALA B 285 24.01 8.12 24.46
N ALA B 286 23.87 9.21 25.22
CA ALA B 286 24.99 9.78 25.94
C ALA B 286 25.58 8.85 26.99
N ASN B 287 24.77 7.98 27.58
CA ASN B 287 25.27 7.02 28.57
C ASN B 287 24.25 5.90 28.77
N LYS B 288 24.62 4.84 29.47
CA LYS B 288 23.72 3.70 29.64
C LYS B 288 22.81 3.80 30.84
N SER B 289 22.75 4.94 31.51
CA SER B 289 21.86 5.09 32.66
C SER B 289 20.50 5.63 32.22
N ILE B 290 20.43 6.07 30.96
CA ILE B 290 19.20 6.65 30.44
C ILE B 290 18.08 5.62 30.36
N LYS B 291 16.88 6.03 30.72
CA LYS B 291 15.74 5.13 30.69
C LYS B 291 14.99 5.28 29.35
N ASP B 292 14.35 4.19 28.99
CA ASP B 292 13.41 4.19 27.86
C ASP B 292 12.03 4.50 28.43
N LEU B 293 11.48 5.67 28.11
CA LEU B 293 10.18 6.07 28.59
C LEU B 293 9.06 5.20 28.00
N ALA B 294 9.38 4.44 26.97
CA ALA B 294 8.44 3.52 26.35
C ALA B 294 7.21 4.21 25.76
N GLN B 295 7.48 5.37 25.16
CA GLN B 295 6.47 6.17 24.49
C GLN B 295 6.69 6.14 22.98
N ASN B 296 7.32 5.07 22.50
CA ASN B 296 7.47 4.84 21.07
C ASN B 296 8.29 5.90 20.37
N GLY B 297 9.20 6.55 21.09
CA GLY B 297 10.07 7.56 20.52
C GLY B 297 9.40 8.93 20.42
N VAL B 298 8.13 9.02 20.72
CA VAL B 298 7.40 10.30 20.61
C VAL B 298 7.84 11.25 21.72
N LYS B 299 8.06 10.67 22.89
CA LYS B 299 8.60 11.39 24.04
C LYS B 299 9.75 10.54 24.59
N VAL B 300 10.93 11.12 24.70
CA VAL B 300 12.06 10.35 25.19
C VAL B 300 12.81 11.09 26.28
N ALA B 301 13.59 10.35 27.05
CA ALA B 301 14.43 10.98 28.07
C ALA B 301 15.58 11.72 27.39
N ALA B 302 16.15 12.71 28.09
CA ALA B 302 17.27 13.45 27.52
C ALA B 302 18.48 12.55 27.30
N GLY B 303 19.23 12.83 26.24
CA GLY B 303 20.45 12.12 25.94
C GLY B 303 20.34 11.06 24.85
N VAL B 304 19.15 10.80 24.33
CA VAL B 304 19.03 9.81 23.26
C VAL B 304 18.64 10.52 21.96
N PRO B 305 19.44 10.33 20.93
CA PRO B 305 19.19 10.97 19.64
C PRO B 305 17.94 10.41 18.99
N VAL B 306 17.10 11.30 18.48
CA VAL B 306 15.84 10.90 17.84
C VAL B 306 15.84 11.38 16.39
N THR B 307 15.46 10.47 15.51
CA THR B 307 15.35 10.75 14.08
C THR B 307 13.91 10.54 13.65
N LYS B 308 13.28 11.55 13.04
CA LYS B 308 11.92 11.36 12.54
C LYS B 308 11.95 10.40 11.35
N GLU B 309 10.81 9.76 11.10
CA GLU B 309 10.73 8.85 9.94
C GLU B 309 11.07 9.59 8.65
N SER B 310 10.63 10.84 8.57
CA SER B 310 10.86 11.65 7.37
C SER B 310 12.29 12.15 7.25
N GLU B 311 13.12 11.97 8.27
CA GLU B 311 14.51 12.39 8.24
C GLU B 311 15.46 11.30 7.79
N TRP B 312 14.97 10.06 7.76
CA TRP B 312 15.77 8.92 7.33
C TRP B 312 16.20 9.06 5.87
N THR B 313 17.44 8.71 5.56
CA THR B 313 17.91 8.78 4.18
C THR B 313 18.08 7.43 3.51
N GLY B 314 17.44 6.38 4.01
CA GLY B 314 17.53 5.07 3.37
C GLY B 314 16.81 5.04 2.03
N LYS B 315 16.99 3.97 1.27
CA LYS B 315 16.50 3.79 -0.07
C LYS B 315 15.70 2.51 -0.26
N ASN B 316 14.89 2.45 -1.31
CA ASN B 316 14.04 1.34 -1.67
C ASN B 316 13.04 1.01 -0.57
N PHE B 317 12.56 2.05 0.11
CA PHE B 317 11.58 1.88 1.17
C PHE B 317 10.23 1.43 0.65
N VAL B 318 9.73 0.33 1.21
CA VAL B 318 8.44 -0.26 0.89
C VAL B 318 7.50 -0.18 2.08
N PRO B 319 6.39 0.53 1.98
CA PRO B 319 5.43 0.66 3.05
C PRO B 319 4.56 -0.58 3.18
N PRO B 320 3.96 -0.79 4.34
CA PRO B 320 3.07 -1.91 4.56
C PRO B 320 1.78 -1.80 3.78
N LEU B 321 1.14 -2.93 3.51
CA LEU B 321 -0.19 -2.96 2.93
C LEU B 321 -1.23 -2.53 3.96
N LYS B 322 -0.96 -2.85 5.23
CA LYS B 322 -1.88 -2.58 6.32
C LYS B 322 -1.13 -2.51 7.65
N THR B 323 -1.53 -1.52 8.45
CA THR B 323 -0.96 -1.38 9.79
C THR B 323 -2.01 -1.68 10.84
N LEU B 324 -1.58 -2.40 11.88
CA LEU B 324 -2.42 -2.77 13.02
C LEU B 324 -1.68 -2.40 14.30
N TYR B 325 -1.69 -1.14 14.67
CA TYR B 325 -2.43 -0.06 14.06
C TYR B 325 -1.59 1.21 14.04
N THR B 326 -2.12 2.25 13.38
CA THR B 326 -1.42 3.53 13.34
C THR B 326 -2.18 4.55 14.19
N VAL B 327 -1.42 5.31 14.96
CA VAL B 327 -2.01 6.35 15.81
C VAL B 327 -1.24 7.66 15.60
N GLN B 328 -1.80 8.72 16.19
CA GLN B 328 -1.22 10.05 16.12
C GLN B 328 -0.32 10.36 17.30
N ASP B 329 0.48 11.41 17.22
CA ASP B 329 1.44 11.74 18.27
C ASP B 329 0.79 11.97 19.63
N THR B 330 -0.47 12.37 19.65
CA THR B 330 -1.18 12.63 20.90
C THR B 330 -1.59 11.38 21.64
N TYR B 331 -1.45 10.22 21.01
CA TYR B 331 -1.88 8.96 21.60
C TYR B 331 -1.20 8.70 22.94
N ASN B 332 -1.96 8.22 23.92
CA ASN B 332 -1.42 7.95 25.25
C ASN B 332 -0.99 6.48 25.38
N TYR B 333 0.32 6.27 25.37
CA TYR B 333 0.86 4.92 25.47
C TYR B 333 0.84 4.43 26.91
N ASN B 334 0.43 5.29 27.84
CA ASN B 334 0.33 4.83 29.24
C ASN B 334 -1.14 4.74 29.65
N ASP B 335 -1.88 3.92 28.91
CA ASP B 335 -3.30 3.70 29.12
C ASP B 335 -3.55 2.96 30.43
N PRO B 336 -4.24 3.61 31.35
CA PRO B 336 -4.53 3.05 32.65
C PRO B 336 -5.45 1.86 32.68
N THR B 337 -6.13 1.53 31.58
CA THR B 337 -7.06 0.39 31.58
C THR B 337 -6.32 -0.94 31.63
N CYS B 338 -5.02 -0.94 31.39
CA CYS B 338 -4.23 -2.17 31.44
C CYS B 338 -3.38 -2.24 32.71
N GLY B 339 -3.64 -1.30 33.61
CA GLY B 339 -2.97 -1.23 34.89
C GLY B 339 -1.46 -1.38 34.82
N GLU B 340 -0.96 -2.27 35.67
CA GLU B 340 0.46 -2.54 35.82
C GLU B 340 1.04 -3.22 34.59
N MET B 341 0.22 -3.32 33.53
CA MET B 341 0.66 -3.98 32.30
C MET B 341 0.25 -3.15 31.10
N THR B 342 0.62 -1.88 31.17
CA THR B 342 0.30 -0.87 30.19
C THR B 342 0.36 -1.34 28.75
N TYR B 343 1.36 -2.14 28.40
CA TYR B 343 1.61 -2.50 27.01
C TYR B 343 0.48 -3.22 26.29
N ILE B 344 -0.41 -3.95 26.96
CA ILE B 344 -1.42 -4.66 26.15
C ILE B 344 -2.51 -3.71 25.69
N CYS B 345 -2.51 -2.45 26.15
CA CYS B 345 -3.44 -1.46 25.64
C CYS B 345 -2.82 -0.69 24.47
N TRP B 346 -1.54 -0.92 24.21
CA TRP B 346 -0.90 -0.27 23.07
C TRP B 346 -1.65 -0.66 21.79
N PRO B 347 -1.63 0.23 20.81
CA PRO B 347 -2.30 0.03 19.54
C PRO B 347 -1.60 -0.92 18.60
N THR B 348 -1.46 -2.16 19.06
CA THR B 348 -0.89 -3.27 18.32
C THR B 348 -1.73 -4.52 18.56
N VAL B 349 -1.46 -5.56 17.78
CA VAL B 349 -2.17 -6.82 17.94
C VAL B 349 -1.18 -7.97 18.15
N ALA B 350 0.10 -7.73 17.99
CA ALA B 350 1.11 -8.79 18.16
C ALA B 350 0.82 -10.01 17.30
N PRO B 351 0.87 -9.85 15.98
CA PRO B 351 0.64 -10.93 15.04
C PRO B 351 1.75 -11.97 15.14
N SER B 352 1.32 -13.23 15.21
CA SER B 352 2.29 -14.31 15.44
C SER B 352 2.54 -15.20 14.25
N SER B 353 1.76 -15.01 13.18
CA SER B 353 1.92 -15.81 11.98
C SER B 353 1.13 -15.17 10.84
N ALA B 354 1.07 -15.86 9.71
CA ALA B 354 0.34 -15.35 8.55
C ALA B 354 0.05 -16.57 7.67
N TYR B 355 -1.21 -16.77 7.34
CA TYR B 355 -1.56 -17.97 6.57
C TYR B 355 -2.46 -17.61 5.39
N VAL B 356 -2.05 -18.09 4.22
CA VAL B 356 -2.88 -17.83 3.03
C VAL B 356 -3.95 -18.92 2.93
N TYR B 357 -5.20 -18.51 3.09
CA TYR B 357 -6.33 -19.42 3.02
C TYR B 357 -6.58 -19.84 1.57
N LYS B 358 -6.52 -21.15 1.30
CA LYS B 358 -6.64 -21.61 -0.07
C LYS B 358 -7.98 -22.22 -0.43
N GLY B 359 -8.95 -22.24 0.46
CA GLY B 359 -10.25 -22.81 0.15
C GLY B 359 -10.16 -24.33 -0.02
N GLY B 360 -10.87 -24.82 -1.04
CA GLY B 360 -10.96 -26.26 -1.28
C GLY B 360 -12.41 -26.63 -1.56
N LYS B 361 -12.71 -27.92 -1.56
CA LYS B 361 -14.06 -28.37 -1.89
C LYS B 361 -15.12 -27.95 -0.89
N LYS B 362 -14.74 -27.63 0.34
CA LYS B 362 -15.68 -27.14 1.33
C LYS B 362 -15.27 -25.75 1.81
N ALA B 363 -14.76 -24.93 0.89
CA ALA B 363 -14.33 -23.58 1.22
C ALA B 363 -15.39 -22.79 1.98
N ILE B 364 -14.93 -21.96 2.91
CA ILE B 364 -15.80 -21.13 3.74
C ILE B 364 -16.28 -19.92 2.93
N THR B 365 -17.58 -19.74 2.89
CA THR B 365 -18.20 -18.64 2.15
C THR B 365 -17.55 -17.30 2.42
N GLY B 366 -17.19 -16.57 1.36
CA GLY B 366 -16.63 -15.24 1.49
C GLY B 366 -15.15 -15.16 1.80
N TRP B 367 -14.50 -16.30 2.05
CA TRP B 367 -13.10 -16.27 2.47
C TRP B 367 -12.10 -16.35 1.33
N GLU B 368 -12.55 -16.18 0.09
CA GLU B 368 -11.62 -16.19 -1.04
C GLU B 368 -10.56 -15.11 -0.88
N ASN B 369 -9.32 -15.45 -1.18
CA ASN B 369 -8.20 -14.52 -1.18
C ASN B 369 -7.98 -13.84 0.16
N THR B 370 -8.15 -14.61 1.24
CA THR B 370 -7.94 -14.06 2.58
C THR B 370 -6.60 -14.50 3.16
N LEU B 371 -6.10 -13.67 4.06
CA LEU B 371 -4.90 -13.94 4.84
C LEU B 371 -5.33 -14.02 6.32
N LEU B 372 -4.98 -15.14 6.98
CA LEU B 372 -5.36 -15.31 8.38
C LEU B 372 -4.16 -14.98 9.28
N VAL B 373 -4.39 -14.06 10.21
CA VAL B 373 -3.30 -13.56 11.04
C VAL B 373 -3.65 -13.66 12.52
N PRO B 374 -3.13 -14.67 13.20
CA PRO B 374 -3.40 -14.82 14.62
C PRO B 374 -2.77 -13.71 15.46
N SER B 375 -3.47 -13.31 16.51
CA SER B 375 -3.03 -12.29 17.45
C SER B 375 -2.74 -12.90 18.83
N LEU B 376 -1.56 -12.59 19.34
CA LEU B 376 -1.23 -13.06 20.68
C LEU B 376 -1.94 -12.27 21.77
N LYS B 377 -1.79 -10.96 21.80
CA LYS B 377 -2.33 -10.12 22.85
C LYS B 377 -3.82 -9.87 22.82
N ARG B 378 -4.47 -9.96 21.67
CA ARG B 378 -5.90 -9.66 21.60
C ARG B 378 -6.78 -10.89 21.66
N GLY B 379 -6.17 -12.08 21.55
CA GLY B 379 -6.97 -13.29 21.63
C GLY B 379 -8.00 -13.41 20.51
N VAL B 380 -7.57 -13.02 19.31
CA VAL B 380 -8.36 -13.18 18.11
C VAL B 380 -7.49 -13.69 16.95
N ILE B 381 -8.15 -14.17 15.90
CA ILE B 381 -7.50 -14.48 14.64
C ILE B 381 -8.13 -13.52 13.61
N PHE B 382 -7.28 -12.72 12.98
CA PHE B 382 -7.82 -11.78 11.99
C PHE B 382 -7.94 -12.45 10.61
N ARG B 383 -8.99 -12.03 9.93
CA ARG B 383 -9.18 -12.38 8.52
C ARG B 383 -9.00 -11.09 7.70
N ILE B 384 -8.05 -11.12 6.78
CA ILE B 384 -7.80 -9.95 5.94
C ILE B 384 -8.02 -10.32 4.48
N LYS B 385 -8.97 -9.63 3.85
CA LYS B 385 -9.24 -9.91 2.44
C LYS B 385 -8.28 -9.18 1.51
N LEU B 386 -7.90 -9.80 0.42
CA LEU B 386 -7.13 -9.19 -0.64
C LEU B 386 -7.91 -9.32 -1.96
N ASP B 387 -7.52 -8.55 -2.97
CA ASP B 387 -8.21 -8.75 -4.26
C ASP B 387 -7.75 -10.08 -4.82
N PRO B 388 -8.34 -10.55 -5.92
CA PRO B 388 -7.97 -11.82 -6.51
C PRO B 388 -6.54 -11.93 -6.99
N THR B 389 -5.81 -10.84 -7.23
CA THR B 389 -4.42 -10.88 -7.65
C THR B 389 -3.46 -10.68 -6.48
N TYR B 390 -4.00 -10.55 -5.27
CA TYR B 390 -3.18 -10.34 -4.08
C TYR B 390 -2.28 -9.11 -4.23
N SER B 391 -2.87 -8.04 -4.76
CA SER B 391 -2.13 -6.80 -5.00
C SER B 391 -2.42 -5.74 -3.94
N THR B 392 -3.58 -5.85 -3.31
CA THR B 392 -3.97 -4.90 -2.28
C THR B 392 -4.90 -5.58 -1.27
N THR B 393 -4.96 -5.06 -0.05
CA THR B 393 -5.96 -5.54 0.89
C THR B 393 -7.28 -4.86 0.53
N TYR B 394 -8.40 -5.44 0.91
CA TYR B 394 -9.72 -4.86 0.82
C TYR B 394 -10.23 -4.67 2.25
N ASP B 395 -10.74 -3.48 2.59
CA ASP B 395 -11.37 -3.29 3.89
C ASP B 395 -10.38 -3.50 5.02
N ASP B 396 -10.83 -3.97 6.18
CA ASP B 396 -9.99 -3.98 7.38
C ASP B 396 -9.68 -5.39 7.88
N ALA B 397 -8.89 -5.47 8.95
CA ALA B 397 -8.62 -6.80 9.55
C ALA B 397 -9.80 -7.16 10.43
N VAL B 398 -10.48 -8.24 10.08
CA VAL B 398 -11.68 -8.67 10.80
C VAL B 398 -11.35 -9.68 11.89
N PRO B 399 -11.63 -9.34 13.13
CA PRO B 399 -11.34 -10.26 14.24
C PRO B 399 -12.29 -11.43 14.29
N MET B 400 -11.74 -12.59 14.69
CA MET B 400 -12.51 -13.80 14.86
C MET B 400 -12.04 -14.57 16.10
N PHE B 401 -12.88 -15.50 16.55
CA PHE B 401 -12.53 -16.41 17.63
C PHE B 401 -12.06 -15.75 18.91
N LYS B 402 -12.69 -14.66 19.32
CA LYS B 402 -12.30 -13.95 20.53
C LYS B 402 -12.36 -14.90 21.73
N SER B 403 -11.25 -14.93 22.46
CA SER B 403 -11.17 -15.73 23.68
C SER B 403 -9.97 -15.26 24.50
N ASN B 404 -9.88 -15.73 25.75
CA ASN B 404 -8.72 -15.35 26.57
C ASN B 404 -7.59 -16.33 26.28
N ASN B 405 -7.06 -16.26 25.06
CA ASN B 405 -5.99 -17.14 24.60
C ASN B 405 -4.99 -16.33 23.77
N ARG B 406 -3.76 -16.79 23.71
CA ARG B 406 -2.75 -16.15 22.86
C ARG B 406 -2.60 -17.02 21.63
N TYR B 407 -3.20 -16.61 20.50
CA TYR B 407 -3.14 -17.42 19.29
C TYR B 407 -1.77 -17.30 18.63
N ARG B 408 -1.14 -18.44 18.36
CA ARG B 408 0.21 -18.58 17.89
C ARG B 408 0.37 -18.95 16.42
N ASP B 409 -0.55 -19.77 15.90
CA ASP B 409 -0.45 -20.20 14.50
C ASP B 409 -1.80 -20.75 14.06
N VAL B 410 -2.01 -20.82 12.76
CA VAL B 410 -3.27 -21.29 12.20
C VAL B 410 -3.05 -21.86 10.81
N ILE B 411 -3.79 -22.91 10.49
CA ILE B 411 -3.81 -23.53 9.17
C ILE B 411 -5.26 -23.99 8.93
N ALA B 412 -5.53 -24.41 7.70
CA ALA B 412 -6.83 -24.99 7.37
C ALA B 412 -6.62 -26.38 6.78
N SER B 413 -7.66 -27.19 6.83
CA SER B 413 -7.60 -28.52 6.20
C SER B 413 -7.71 -28.33 4.69
N PRO B 414 -7.36 -29.34 3.91
CA PRO B 414 -7.42 -29.28 2.46
C PRO B 414 -8.81 -28.93 1.96
N ASP B 415 -9.85 -29.43 2.59
CA ASP B 415 -11.20 -29.13 2.14
C ASP B 415 -11.57 -27.68 2.46
N GLY B 416 -10.91 -27.09 3.46
CA GLY B 416 -11.07 -25.69 3.79
C GLY B 416 -12.13 -25.33 4.80
N ASN B 417 -12.84 -26.32 5.35
CA ASN B 417 -13.91 -26.04 6.29
C ASN B 417 -13.49 -26.18 7.75
N VAL B 418 -12.24 -26.60 7.96
CA VAL B 418 -11.74 -26.76 9.32
C VAL B 418 -10.43 -25.98 9.50
N LEU B 419 -10.34 -25.24 10.60
CA LEU B 419 -9.11 -24.54 10.92
C LEU B 419 -8.46 -25.24 12.13
N TYR B 420 -7.15 -25.31 12.08
CA TYR B 420 -6.40 -25.87 13.22
C TYR B 420 -5.52 -24.73 13.75
N VAL B 421 -5.57 -24.55 15.06
CA VAL B 421 -4.89 -23.43 15.71
C VAL B 421 -4.06 -23.84 16.91
N LEU B 422 -2.96 -23.14 17.11
CA LEU B 422 -2.12 -23.32 18.30
C LEU B 422 -2.29 -22.12 19.22
N THR B 423 -2.22 -22.36 20.52
CA THR B 423 -2.26 -21.30 21.51
C THR B 423 -1.06 -21.41 22.45
N ASP B 424 -0.60 -20.28 22.99
CA ASP B 424 0.54 -20.31 23.90
C ASP B 424 0.17 -21.02 25.22
N THR B 425 1.21 -21.52 25.87
CA THR B 425 1.04 -22.17 27.17
C THR B 425 0.88 -21.15 28.29
N ALA B 426 1.50 -19.99 28.14
CA ALA B 426 1.44 -18.95 29.16
C ALA B 426 1.63 -17.55 28.55
N GLY B 427 1.24 -16.54 29.31
CA GLY B 427 1.43 -15.16 28.86
C GLY B 427 0.19 -14.33 29.17
N ASN B 428 0.24 -13.06 28.76
CA ASN B 428 -0.87 -12.15 28.99
C ASN B 428 -1.78 -12.04 27.77
N VAL B 429 -3.05 -11.77 28.02
CA VAL B 429 -4.02 -11.56 26.97
C VAL B 429 -5.06 -10.56 27.43
N GLN B 430 -5.63 -9.81 26.47
CA GLN B 430 -6.68 -8.86 26.77
C GLN B 430 -8.03 -9.56 26.89
N LYS B 431 -8.74 -9.24 27.97
CA LYS B 431 -10.06 -9.80 28.20
C LYS B 431 -11.12 -8.99 27.44
N ASP B 432 -12.34 -9.50 27.43
CA ASP B 432 -13.45 -8.82 26.79
C ASP B 432 -13.57 -7.38 27.28
N ASP B 433 -13.29 -7.13 28.56
CA ASP B 433 -13.45 -5.79 29.10
C ASP B 433 -12.25 -4.88 28.89
N GLY B 434 -11.23 -5.35 28.18
CA GLY B 434 -10.06 -4.53 27.92
C GLY B 434 -8.93 -4.71 28.92
N SER B 435 -9.23 -5.29 30.08
CA SER B 435 -8.17 -5.47 31.08
C SER B 435 -7.33 -6.70 30.73
N VAL B 436 -6.25 -6.88 31.48
CA VAL B 436 -5.30 -7.94 31.22
C VAL B 436 -5.51 -9.15 32.12
N THR B 437 -5.32 -10.34 31.57
CA THR B 437 -5.35 -11.56 32.36
C THR B 437 -4.19 -12.46 31.92
N ASN B 438 -3.69 -13.26 32.85
CA ASN B 438 -2.67 -14.25 32.49
C ASN B 438 -3.24 -15.65 32.72
N THR B 439 -4.54 -15.68 32.94
CA THR B 439 -5.27 -16.94 33.02
C THR B 439 -5.77 -17.25 31.61
N LEU B 440 -5.12 -18.20 30.94
CA LEU B 440 -5.51 -18.54 29.57
C LEU B 440 -6.51 -19.68 29.55
N GLU B 441 -7.55 -19.54 28.74
CA GLU B 441 -8.62 -20.52 28.66
C GLU B 441 -8.13 -21.88 28.18
N ASN B 442 -7.27 -21.88 27.17
CA ASN B 442 -6.74 -23.12 26.61
C ASN B 442 -5.24 -23.06 26.49
N PRO B 443 -4.53 -23.26 27.60
CA PRO B 443 -3.08 -23.16 27.62
C PRO B 443 -2.40 -24.22 26.78
N GLY B 444 -1.52 -23.79 25.89
CA GLY B 444 -0.73 -24.67 25.05
C GLY B 444 -1.57 -25.70 24.32
N SER B 445 -2.54 -25.21 23.55
CA SER B 445 -3.47 -26.11 22.90
C SER B 445 -3.39 -26.16 21.37
N LEU B 446 -3.91 -27.26 20.87
CA LEU B 446 -4.18 -27.53 19.48
C LEU B 446 -5.71 -27.53 19.44
N ILE B 447 -6.29 -26.54 18.78
CA ILE B 447 -7.73 -26.38 18.72
C ILE B 447 -8.23 -26.50 17.29
N LYS B 448 -9.37 -27.17 17.14
CA LYS B 448 -10.02 -27.34 15.85
C LYS B 448 -11.29 -26.51 15.78
N PHE B 449 -11.44 -25.70 14.73
CA PHE B 449 -12.65 -24.93 14.51
C PHE B 449 -13.29 -25.42 13.20
N THR B 450 -14.49 -25.98 13.31
CA THR B 450 -15.19 -26.51 12.15
C THR B 450 -16.36 -25.62 11.75
N TYR B 451 -16.36 -25.18 10.50
CA TYR B 451 -17.46 -24.32 10.03
C TYR B 451 -18.76 -25.09 10.14
N LYS B 452 -19.79 -24.47 10.70
CA LYS B 452 -21.07 -25.13 10.87
C LYS B 452 -21.79 -25.26 9.52
#